data_6UJZ
#
_entry.id   6UJZ
#
_cell.length_a   168.277
_cell.length_b   168.829
_cell.length_c   102.548
_cell.angle_alpha   90.0
_cell.angle_beta   90.0
_cell.angle_gamma   90.0
#
_symmetry.space_group_name_H-M   'C 2 2 21'
#
loop_
_entity.id
_entity.type
_entity.pdbx_description
1 polymer 'p66 Reverse transcriptase/RNaseH'
2 polymer 'p51 Reverse transcriptase/RNaseH'
3 polymer 'primer DNA'
4 polymer 'template DNA'
5 non-polymer 'SULFATE ION'
6 non-polymer 'MAGNESIUM ION'
7 non-polymer '[[(2~{S},5~{R})-5-(4-azanyl-5-fluoranyl-2-oxidanylidene-pyrimidin-1-yl)-1,3-oxathiolan-2-yl]methoxy-oxidanyl-phosphoryl] phosphono hydrogen phosphate'
8 water water
#
loop_
_entity_poly.entity_id
_entity_poly.type
_entity_poly.pdbx_seq_one_letter_code
_entity_poly.pdbx_strand_id
1 'polypeptide(L)'
;MGSSHHHHHHSSPISPIETVPVKLKPGMDGPKVKQWPLTEEKIKALVEICTEMEKEGKISKIGPENPYNTPVFAIKKKDS
TKWRKLVDFRELNKRTQDFWEVQLGIPHPAGLKKKKSVTVLDVGDAYFSVPLDEDFRKYTAFTIPSINNETPGIRYQYNV
LPQGWKGSPAIFQSSMTKILEPFRKQNPDIVIYQYMDDLYVGSDLEIGQHRTKIEELRQHLLRWGLTTPDKKHQKEPPFL
WMGYELHPDKWTVQPIVLPEKDSWTVNDICKLVGKLNWASQIYPGIKVRQLSKLLRGTKALTEVIPLTEEAELELAENRE
ILKEPVHGVYYDPSKDLIAEIQKQGQGQWTYQIYQEPFKNLKTGKYARMRGAHTNDVKQLTEAVQKITTESIVIWGKTPK
FKLPIQKETWETWWTEYWQATWIPEWEFVNTPPLVKLWYQLEKEPIVGAETFYVDGAANRETKLGKAGYVTNRGRQKVVT
LTDTTNQKTELQAIYLALQDSGLEVNIVTDSQYALGIIQAQPDQSESELVNQIIEQLIKKEKVYLAWVPAHKGIGGNEQV
DKLVSAGIRKVL
;
A
2 'polypeptide(L)'
;PISPIETVPVKLKPGMDGPKVKQWPLTEEKIKALVEICTEMEKEGKISKIGPENPYNTPVFAIKKKDSTKWRKLVDFREL
NKRTQDFWEVQLGIPHPAGLKKKKSVTVLDVGDAYFSVPLDEDFRKYTAFTIPSINNETPGIRYQYNVLPQGWKGSPAIF
QSSMTKILEPFRKQNPDIVIYQYMDDLYVGSDLEIGQHRTKIEELRQHLLRWGLTTPDKKHQKEPPFLWMGYELHPDKWT
VQPIVLPEKDSWTVNDIQKLVGKLNWASQIYPGIKVRQLSKLLRGTKALTEVIPLTEEAELELAENREILKEPVHGVYYD
PSKDLIAEIQKQGQGQWTYQIYQEPFKNLKTGKYARMRGAHTNDVKQLTEAVQKITTESIVIWGKTPKFKLPIQKETWET
WWTEYWQATWIPEWEFVNTPPLVKLWYQLEKEPIVGAETF
;
B
3 'polydeoxyribonucleotide'
;(DA)(DC)(DA)(DG)(DT)(DC)(DC)(DC)(DT)(DG)(DT)(DT)(DC)(DG)(DG)(DG)(DC)(DG)(DC)(DC)
(DOC)
;
P
4 'polydeoxyribonucleotide'
;(DA)(DT)(DG)(DG)(DG)(DG)(DG)(DG)(DC)(DG)(DC)(DC)(DC)(DG)(DA)(DA)(DC)(DA)(DG)(DG)
(DG)(DA)(DC)(DT)(DG)(DT)(DG)
;
T
#
loop_
_chem_comp.id
_chem_comp.type
_chem_comp.name
_chem_comp.formula
DA DNA linking 2'-DEOXYADENOSINE-5'-MONOPHOSPHATE 'C10 H14 N5 O6 P'
DC DNA linking 2'-DEOXYCYTIDINE-5'-MONOPHOSPHATE 'C9 H14 N3 O7 P'
DG DNA linking 2'-DEOXYGUANOSINE-5'-MONOPHOSPHATE 'C10 H14 N5 O7 P'
DOC DNA linking 2',3'-DIDEOXYCYTIDINE-5'-MONOPHOSPHATE 'C9 H14 N3 O6 P'
DT DNA linking THYMIDINE-5'-MONOPHOSPHATE 'C10 H15 N2 O8 P'
MG non-polymer 'MAGNESIUM ION' 'Mg 2'
N8G non-polymer '[[(2~{S},5~{R})-5-(4-azanyl-5-fluoranyl-2-oxidanylidene-pyrimidin-1-yl)-1,3-oxathiolan-2-yl]methoxy-oxidanyl-phosphoryl] phosphono hydrogen phosphate' 'C8 H13 F N3 O12 P3 S'
SO4 non-polymer 'SULFATE ION' 'O4 S -2'
#
# COMPACT_ATOMS: atom_id res chain seq x y z
N PRO A 13 9.04 -41.07 -11.88
CA PRO A 13 10.24 -40.80 -12.69
C PRO A 13 10.72 -39.36 -12.52
N ILE A 14 11.48 -38.86 -13.49
CA ILE A 14 12.09 -37.53 -13.46
C ILE A 14 11.73 -36.74 -14.70
N SER A 15 11.02 -35.63 -14.52
CA SER A 15 10.60 -34.74 -15.62
C SER A 15 11.75 -34.40 -16.60
N PRO A 16 11.48 -34.54 -17.93
CA PRO A 16 12.37 -34.01 -18.97
C PRO A 16 12.21 -32.51 -19.12
N ILE A 17 11.78 -31.84 -18.05
CA ILE A 17 11.74 -30.38 -18.09
C ILE A 17 13.16 -29.85 -17.96
N GLU A 18 13.39 -28.69 -18.57
CA GLU A 18 14.69 -28.06 -18.52
C GLU A 18 14.93 -27.56 -17.12
N THR A 19 16.18 -27.62 -16.70
CA THR A 19 16.54 -27.19 -15.36
C THR A 19 16.47 -25.68 -15.31
N VAL A 20 16.34 -25.13 -14.12
CA VAL A 20 16.47 -23.71 -13.92
C VAL A 20 17.87 -23.37 -13.45
N PRO A 21 18.53 -22.46 -14.16
CA PRO A 21 19.92 -22.09 -13.86
C PRO A 21 20.04 -21.30 -12.56
N VAL A 22 20.77 -21.88 -11.62
CA VAL A 22 21.01 -21.24 -10.33
C VAL A 22 22.49 -20.99 -10.08
N LYS A 23 22.80 -20.17 -9.08
CA LYS A 23 24.19 -19.95 -8.72
C LYS A 23 24.30 -19.42 -7.31
N LEU A 24 25.49 -19.59 -6.73
CA LEU A 24 25.80 -19.09 -5.41
C LEU A 24 25.94 -17.57 -5.45
N LYS A 25 25.72 -16.92 -4.32
CA LYS A 25 26.01 -15.49 -4.24
C LYS A 25 27.51 -15.29 -4.48
N PRO A 26 27.88 -14.19 -5.17
CA PRO A 26 29.27 -13.90 -5.57
C PRO A 26 30.28 -14.04 -4.44
N GLY A 27 31.41 -14.66 -4.76
CA GLY A 27 32.51 -14.82 -3.84
C GLY A 27 32.31 -15.88 -2.78
N MET A 28 31.17 -16.56 -2.84
CA MET A 28 30.84 -17.57 -1.84
C MET A 28 31.04 -18.98 -2.36
N ASP A 29 30.93 -19.95 -1.47
CA ASP A 29 31.19 -21.33 -1.84
C ASP A 29 30.27 -22.26 -1.05
N GLY A 30 30.19 -23.51 -1.48
CA GLY A 30 29.26 -24.47 -0.91
C GLY A 30 29.46 -24.78 0.55
N PRO A 31 28.42 -25.34 1.19
CA PRO A 31 28.43 -25.58 2.64
C PRO A 31 29.39 -26.73 3.03
N LYS A 32 30.14 -26.51 4.09
CA LYS A 32 30.93 -27.60 4.68
C LYS A 32 30.43 -27.78 6.11
N VAL A 33 29.53 -28.74 6.32
CA VAL A 33 28.91 -28.89 7.63
C VAL A 33 28.73 -30.34 8.04
N LYS A 34 29.28 -30.67 9.20
CA LYS A 34 29.24 -32.02 9.74
C LYS A 34 27.82 -32.55 9.86
N GLN A 35 27.60 -33.77 9.37
CA GLN A 35 26.35 -34.46 9.61
C GLN A 35 26.21 -34.65 11.10
N TRP A 36 25.16 -34.15 11.71
CA TRP A 36 24.98 -34.48 13.12
C TRP A 36 24.32 -35.86 13.18
N PRO A 37 24.31 -36.47 14.38
CA PRO A 37 23.90 -37.86 14.57
C PRO A 37 22.40 -38.09 14.51
N LEU A 38 22.00 -39.24 13.97
CA LEU A 38 20.59 -39.60 13.83
C LEU A 38 20.19 -40.89 14.56
N THR A 39 18.95 -40.89 15.05
CA THR A 39 18.21 -42.10 15.41
C THR A 39 18.45 -43.25 14.47
N GLU A 40 18.37 -44.45 15.01
CA GLU A 40 18.43 -45.67 14.20
C GLU A 40 17.25 -45.71 13.24
N GLU A 41 16.05 -45.47 13.77
CA GLU A 41 14.82 -45.53 12.99
C GLU A 41 14.92 -44.65 11.75
N LYS A 42 15.53 -43.47 11.94
CA LYS A 42 15.69 -42.49 10.89
C LYS A 42 16.80 -42.86 9.91
N ILE A 43 17.87 -43.50 10.38
CA ILE A 43 18.92 -43.95 9.47
C ILE A 43 18.43 -45.03 8.51
N LYS A 44 17.53 -45.87 8.98
CA LYS A 44 16.97 -46.91 8.13
C LYS A 44 15.88 -46.33 7.25
N ALA A 45 15.19 -45.33 7.77
CA ALA A 45 14.24 -44.56 6.97
C ALA A 45 14.98 -43.99 5.78
N LEU A 46 16.06 -43.27 6.08
CA LEU A 46 16.88 -42.63 5.09
C LEU A 46 17.46 -43.62 4.09
N VAL A 47 18.13 -44.65 4.59
CA VAL A 47 18.78 -45.64 3.73
C VAL A 47 17.80 -46.24 2.74
N GLU A 48 16.60 -46.57 3.20
CA GLU A 48 15.61 -47.13 2.30
C GLU A 48 15.27 -46.14 1.19
N ILE A 49 15.08 -44.88 1.58
CA ILE A 49 14.82 -43.80 0.63
C ILE A 49 16.00 -43.60 -0.34
N CYS A 50 17.21 -43.58 0.19
CA CYS A 50 18.37 -43.28 -0.64
C CYS A 50 18.75 -44.41 -1.59
N THR A 51 18.45 -45.65 -1.23
CA THR A 51 18.81 -46.74 -2.12
C THR A 51 17.82 -46.71 -3.27
N GLU A 52 16.60 -46.26 -2.99
CA GLU A 52 15.55 -46.17 -4.01
C GLU A 52 15.79 -44.98 -4.94
N MET A 53 16.10 -43.83 -4.35
CA MET A 53 16.34 -42.63 -5.14
C MET A 53 17.56 -42.81 -6.01
N GLU A 54 18.57 -43.43 -5.43
CA GLU A 54 19.81 -43.65 -6.14
C GLU A 54 19.55 -44.54 -7.35
N LYS A 55 18.74 -45.56 -7.14
CA LYS A 55 18.34 -46.45 -8.21
C LYS A 55 17.68 -45.67 -9.33
N GLU A 56 16.99 -44.59 -8.98
CA GLU A 56 16.17 -43.89 -9.97
C GLU A 56 16.88 -42.69 -10.57
N GLY A 57 18.13 -42.50 -10.19
CA GLY A 57 18.91 -41.42 -10.74
C GLY A 57 18.59 -40.08 -10.11
N LYS A 58 17.78 -40.11 -9.06
CA LYS A 58 17.44 -38.88 -8.36
C LYS A 58 18.56 -38.39 -7.45
N ILE A 59 19.42 -39.32 -7.01
CA ILE A 59 20.67 -38.96 -6.33
C ILE A 59 21.86 -39.76 -6.87
N SER A 60 23.05 -39.18 -6.74
CA SER A 60 24.29 -39.78 -7.22
C SER A 60 25.32 -39.90 -6.09
N LYS A 61 25.93 -41.09 -5.98
CA LYS A 61 27.06 -41.28 -5.11
C LYS A 61 28.18 -40.35 -5.54
N ILE A 62 28.77 -39.64 -4.58
CA ILE A 62 29.93 -38.79 -4.82
C ILE A 62 31.20 -39.33 -4.14
N GLY A 63 32.35 -38.78 -4.52
CA GLY A 63 33.62 -39.14 -3.91
C GLY A 63 34.31 -38.01 -3.16
N PRO A 64 35.64 -38.10 -3.02
CA PRO A 64 36.43 -37.10 -2.30
C PRO A 64 36.62 -35.80 -3.10
N GLU A 65 36.27 -35.81 -4.37
CA GLU A 65 36.27 -34.59 -5.18
C GLU A 65 35.13 -33.66 -4.80
N ASN A 66 34.35 -34.04 -3.79
CA ASN A 66 33.31 -33.17 -3.26
C ASN A 66 33.59 -32.77 -1.81
N PRO A 67 34.10 -31.56 -1.62
CA PRO A 67 34.42 -31.01 -0.30
C PRO A 67 33.20 -30.80 0.59
N TYR A 68 32.03 -30.61 -0.02
CA TYR A 68 30.88 -30.08 0.71
C TYR A 68 30.07 -31.11 1.47
N ASN A 69 29.23 -30.62 2.37
CA ASN A 69 28.28 -31.49 3.06
C ASN A 69 27.31 -30.65 3.86
N THR A 70 26.12 -31.21 4.07
CA THR A 70 25.04 -30.53 4.74
C THR A 70 24.20 -31.61 5.40
N PRO A 71 23.83 -31.43 6.69
CA PRO A 71 23.14 -32.47 7.48
C PRO A 71 21.73 -32.83 7.00
N VAL A 72 21.39 -34.12 7.06
CA VAL A 72 20.08 -34.58 6.65
C VAL A 72 19.30 -35.18 7.82
N PHE A 73 17.98 -35.12 7.75
CA PHE A 73 17.15 -35.83 8.72
C PHE A 73 15.84 -36.26 8.09
N ALA A 74 14.90 -36.67 8.91
CA ALA A 74 13.62 -37.10 8.39
C ALA A 74 12.52 -36.89 9.42
N ILE A 75 11.28 -36.75 8.95
CA ILE A 75 10.16 -36.67 9.85
C ILE A 75 9.05 -37.53 9.27
N LYS A 76 8.18 -38.06 10.13
CA LYS A 76 7.04 -38.81 9.64
C LYS A 76 6.15 -37.84 8.87
N LYS A 77 5.38 -38.36 7.93
CA LYS A 77 4.42 -37.53 7.20
C LYS A 77 3.06 -37.53 7.91
N LYS A 78 2.08 -36.85 7.32
CA LYS A 78 0.70 -36.88 7.79
C LYS A 78 0.10 -38.29 7.65
N ASP A 79 0.67 -39.07 6.75
CA ASP A 79 0.31 -40.48 6.57
C ASP A 79 0.80 -41.32 7.73
N SER A 80 1.82 -40.82 8.43
CA SER A 80 2.42 -41.51 9.56
C SER A 80 3.01 -42.88 9.16
N THR A 81 2.94 -43.22 7.88
CA THR A 81 3.45 -44.49 7.38
C THR A 81 4.65 -44.24 6.51
N LYS A 82 4.79 -43.00 6.07
CA LYS A 82 5.86 -42.66 5.15
C LYS A 82 6.71 -41.57 5.77
N TRP A 83 8.01 -41.62 5.46
CA TRP A 83 8.94 -40.63 5.96
C TRP A 83 9.22 -39.54 4.94
N ARG A 84 9.58 -38.35 5.40
CA ARG A 84 10.01 -37.31 4.50
C ARG A 84 11.48 -37.00 4.71
N LYS A 85 12.30 -37.27 3.70
CA LYS A 85 13.71 -36.89 3.73
C LYS A 85 13.89 -35.37 3.64
N LEU A 86 14.54 -34.78 4.64
CA LEU A 86 14.76 -33.33 4.67
C LEU A 86 16.25 -33.02 4.74
N VAL A 87 16.63 -31.79 4.41
CA VAL A 87 18.01 -31.34 4.46
C VAL A 87 18.11 -29.97 5.09
N ASP A 88 18.84 -29.86 6.19
CA ASP A 88 19.08 -28.58 6.82
C ASP A 88 20.05 -27.76 5.97
N PHE A 89 19.55 -27.14 4.91
CA PHE A 89 20.39 -26.37 4.01
C PHE A 89 20.59 -24.91 4.41
N ARG A 90 20.33 -24.58 5.67
CA ARG A 90 20.34 -23.18 6.11
C ARG A 90 21.60 -22.43 5.73
N GLU A 91 22.72 -23.13 5.61
CA GLU A 91 23.96 -22.48 5.24
C GLU A 91 24.04 -22.26 3.73
N LEU A 92 23.69 -23.29 2.96
CA LEU A 92 23.62 -23.14 1.51
C LEU A 92 22.57 -22.11 1.13
N ASN A 93 21.44 -22.14 1.82
CA ASN A 93 20.41 -21.13 1.62
C ASN A 93 20.98 -19.71 1.72
N LYS A 94 21.83 -19.48 2.73
CA LYS A 94 22.48 -18.19 2.91
C LYS A 94 23.32 -17.80 1.71
N ARG A 95 23.99 -18.77 1.09
CA ARG A 95 24.95 -18.47 0.04
C ARG A 95 24.40 -18.66 -1.36
N THR A 96 23.14 -19.08 -1.45
CA THR A 96 22.45 -19.19 -2.73
C THR A 96 21.86 -17.86 -3.15
N GLN A 97 21.83 -17.60 -4.45
CA GLN A 97 21.25 -16.38 -5.01
C GLN A 97 19.80 -16.14 -4.56
N ASP A 98 19.31 -14.94 -4.79
CA ASP A 98 17.90 -14.64 -4.59
C ASP A 98 17.04 -15.11 -5.74
N PHE A 99 15.84 -15.57 -5.42
CA PHE A 99 14.80 -15.88 -6.40
C PHE A 99 13.68 -14.88 -6.22
N TRP A 100 12.93 -14.64 -7.29
CA TRP A 100 11.65 -13.97 -7.14
C TRP A 100 10.60 -15.06 -6.92
N GLU A 101 9.91 -15.00 -5.79
CA GLU A 101 8.88 -15.98 -5.47
C GLU A 101 7.68 -15.77 -6.36
N VAL A 102 7.14 -16.85 -6.93
CA VAL A 102 6.02 -16.73 -7.84
C VAL A 102 4.71 -17.02 -7.14
N GLN A 103 4.75 -17.56 -5.93
CA GLN A 103 3.53 -17.81 -5.16
C GLN A 103 3.09 -16.52 -4.46
N LEU A 104 2.00 -15.92 -4.92
CA LEU A 104 1.62 -14.58 -4.47
C LEU A 104 0.58 -14.58 -3.33
N GLY A 105 0.08 -15.78 -3.00
CA GLY A 105 -0.94 -15.93 -2.00
C GLY A 105 -1.50 -17.35 -1.94
N ILE A 106 -2.58 -17.50 -1.19
CA ILE A 106 -3.17 -18.79 -0.88
C ILE A 106 -4.56 -18.82 -1.44
N PRO A 107 -4.90 -19.85 -2.22
CA PRO A 107 -6.25 -19.76 -2.79
C PRO A 107 -7.24 -19.96 -1.69
N HIS A 108 -8.44 -19.44 -1.84
CA HIS A 108 -9.44 -19.56 -0.80
C HIS A 108 -10.76 -20.17 -1.27
N PRO A 109 -11.25 -21.21 -0.59
CA PRO A 109 -12.45 -21.91 -1.07
C PRO A 109 -13.60 -20.95 -1.40
N ALA A 110 -13.70 -19.83 -0.68
CA ALA A 110 -14.81 -18.89 -0.89
C ALA A 110 -14.77 -18.30 -2.30
N GLY A 111 -13.61 -18.40 -2.94
CA GLY A 111 -13.43 -17.85 -4.26
C GLY A 111 -13.76 -18.83 -5.36
N LEU A 112 -13.98 -20.09 -5.01
CA LEU A 112 -14.42 -21.07 -6.00
C LEU A 112 -15.87 -20.87 -6.47
N LYS A 113 -16.10 -21.17 -7.73
CA LYS A 113 -17.44 -21.13 -8.30
C LYS A 113 -17.99 -22.54 -8.34
N LYS A 114 -19.31 -22.69 -8.35
CA LYS A 114 -19.89 -24.03 -8.40
C LYS A 114 -19.46 -24.74 -9.68
N LYS A 115 -18.89 -25.93 -9.54
CA LYS A 115 -18.54 -26.73 -10.70
C LYS A 115 -19.35 -28.00 -10.67
N LYS A 116 -19.69 -28.50 -11.85
CA LYS A 116 -20.50 -29.69 -11.96
C LYS A 116 -19.71 -30.91 -11.54
N SER A 117 -18.46 -30.96 -11.97
CA SER A 117 -17.59 -32.07 -11.62
C SER A 117 -16.26 -31.58 -11.07
N VAL A 118 -15.79 -32.27 -10.04
CA VAL A 118 -14.60 -31.85 -9.33
C VAL A 118 -13.69 -33.03 -9.08
N THR A 119 -12.40 -32.78 -9.13
CA THR A 119 -11.41 -33.77 -8.82
C THR A 119 -10.29 -33.12 -8.05
N VAL A 120 -9.67 -33.88 -7.15
CA VAL A 120 -8.46 -33.44 -6.50
C VAL A 120 -7.36 -34.48 -6.65
N LEU A 121 -6.21 -34.03 -7.13
CA LEU A 121 -5.06 -34.88 -7.37
C LEU A 121 -3.83 -34.33 -6.65
N ASP A 122 -3.00 -35.22 -6.13
CA ASP A 122 -1.72 -34.83 -5.57
C ASP A 122 -0.65 -35.51 -6.37
N VAL A 123 0.37 -34.77 -6.82
CA VAL A 123 1.50 -35.37 -7.49
C VAL A 123 2.35 -36.18 -6.51
N GLY A 124 2.81 -37.36 -6.93
CA GLY A 124 3.60 -38.24 -6.07
C GLY A 124 5.07 -37.87 -6.12
N ASP A 125 5.68 -37.76 -4.94
CA ASP A 125 7.07 -37.34 -4.80
C ASP A 125 7.46 -36.16 -5.68
N ALA A 126 6.63 -35.12 -5.60
CA ALA A 126 6.72 -33.92 -6.42
C ALA A 126 8.15 -33.38 -6.68
N TYR A 127 8.80 -32.87 -5.63
CA TYR A 127 10.13 -32.29 -5.79
C TYR A 127 11.10 -33.26 -6.49
N PHE A 128 11.06 -34.53 -6.10
CA PHE A 128 12.04 -35.49 -6.61
C PHE A 128 11.75 -35.83 -8.05
N SER A 129 10.78 -35.14 -8.63
CA SER A 129 10.43 -35.41 -10.01
C SER A 129 10.92 -34.27 -10.90
N VAL A 130 11.61 -33.30 -10.30
CA VAL A 130 12.04 -32.12 -11.04
C VAL A 130 13.55 -31.98 -10.98
N PRO A 131 14.20 -31.99 -12.14
CA PRO A 131 15.67 -31.96 -12.17
C PRO A 131 16.25 -30.70 -11.56
N LEU A 132 17.36 -30.84 -10.85
CA LEU A 132 18.17 -29.73 -10.36
C LEU A 132 19.31 -29.41 -11.31
N ASP A 133 19.70 -28.14 -11.40
CA ASP A 133 20.75 -27.71 -12.34
C ASP A 133 22.06 -28.49 -12.11
N GLU A 134 22.68 -28.96 -13.18
CA GLU A 134 23.86 -29.82 -13.07
C GLU A 134 24.99 -29.09 -12.39
N ASP A 135 25.26 -27.89 -12.89
CA ASP A 135 26.31 -27.04 -12.32
C ASP A 135 26.18 -26.83 -10.83
N PHE A 136 24.98 -26.99 -10.30
CA PHE A 136 24.73 -26.64 -8.90
C PHE A 136 24.71 -27.88 -8.04
N ARG A 137 24.61 -29.06 -8.64
CA ARG A 137 24.34 -30.28 -7.87
C ARG A 137 25.33 -30.56 -6.76
N LYS A 138 26.58 -30.14 -6.94
CA LYS A 138 27.61 -30.51 -5.99
C LYS A 138 27.43 -29.89 -4.62
N TYR A 139 26.86 -28.69 -4.55
CA TYR A 139 26.63 -28.06 -3.26
C TYR A 139 25.58 -28.76 -2.43
N THR A 140 24.92 -29.77 -3.00
CA THR A 140 23.87 -30.50 -2.27
C THR A 140 24.39 -31.79 -1.65
N ALA A 141 25.71 -31.95 -1.61
CA ALA A 141 26.29 -33.16 -1.04
C ALA A 141 25.78 -33.35 0.38
N PHE A 142 25.39 -34.58 0.69
CA PHE A 142 25.07 -34.99 2.04
C PHE A 142 25.66 -36.37 2.26
N THR A 143 25.48 -36.89 3.47
CA THR A 143 26.05 -38.18 3.86
C THR A 143 25.05 -38.95 4.70
N ILE A 144 24.72 -40.16 4.26
CA ILE A 144 24.01 -41.09 5.13
C ILE A 144 25.03 -41.92 5.90
N PRO A 145 25.03 -41.64 7.23
CA PRO A 145 25.55 -42.39 8.37
C PRO A 145 24.85 -43.72 8.49
N SER A 146 25.51 -44.78 8.94
CA SER A 146 24.87 -46.15 8.92
C SER A 146 25.25 -46.84 10.14
N THR A 151 29.35 -52.00 8.20
CA THR A 151 29.03 -51.15 7.06
C THR A 151 29.37 -49.69 7.35
N PRO A 152 29.88 -48.94 6.35
CA PRO A 152 30.17 -47.53 6.60
C PRO A 152 29.10 -46.56 6.07
N GLY A 153 29.44 -45.28 6.07
CA GLY A 153 28.52 -44.24 5.62
C GLY A 153 28.65 -43.87 4.15
N ILE A 154 27.53 -43.56 3.52
CA ILE A 154 27.50 -43.24 2.09
C ILE A 154 27.28 -41.76 1.80
N ARG A 155 27.99 -41.26 0.79
CA ARG A 155 27.92 -39.85 0.38
C ARG A 155 27.20 -39.62 -0.94
N TYR A 156 26.13 -38.83 -0.93
CA TYR A 156 25.38 -38.55 -2.14
C TYR A 156 25.30 -37.07 -2.48
N GLN A 157 24.90 -36.78 -3.71
CA GLN A 157 24.44 -35.45 -4.07
C GLN A 157 23.06 -35.54 -4.73
N TYR A 158 22.38 -34.40 -4.82
CA TYR A 158 21.04 -34.34 -5.41
C TYR A 158 21.07 -34.09 -6.93
N ASN A 159 20.27 -34.85 -7.67
CA ASN A 159 20.06 -34.57 -9.07
C ASN A 159 18.72 -33.90 -9.28
N VAL A 160 17.87 -33.97 -8.27
CA VAL A 160 16.51 -33.43 -8.33
C VAL A 160 16.39 -32.36 -7.27
N LEU A 161 15.26 -31.67 -7.16
CA LEU A 161 15.13 -30.65 -6.09
C LEU A 161 15.09 -31.27 -4.70
N PRO A 162 15.87 -30.70 -3.78
CA PRO A 162 15.92 -31.18 -2.39
C PRO A 162 14.93 -30.43 -1.50
N GLN A 163 14.44 -31.09 -0.45
CA GLN A 163 13.50 -30.43 0.47
C GLN A 163 14.25 -29.80 1.62
N GLY A 164 14.32 -28.47 1.64
CA GLY A 164 14.99 -27.73 2.69
C GLY A 164 15.84 -26.67 2.02
N TRP A 165 15.95 -26.80 0.71
CA TRP A 165 16.61 -25.77 -0.08
C TRP A 165 15.61 -24.67 -0.36
N LYS A 166 16.11 -23.43 -0.35
CA LYS A 166 15.26 -22.26 -0.50
C LYS A 166 14.82 -22.01 -1.96
N GLY A 167 15.56 -22.52 -2.93
CA GLY A 167 15.18 -22.40 -4.34
C GLY A 167 14.11 -23.39 -4.81
N SER A 168 13.86 -24.43 -4.03
CA SER A 168 13.02 -25.53 -4.48
C SER A 168 11.55 -25.20 -4.71
N PRO A 169 10.93 -24.45 -3.77
CA PRO A 169 9.51 -24.11 -3.94
C PRO A 169 9.24 -23.27 -5.19
N ALA A 170 9.98 -22.19 -5.37
CA ALA A 170 9.74 -21.35 -6.53
C ALA A 170 10.00 -22.15 -7.81
N ILE A 171 11.09 -22.91 -7.82
CA ILE A 171 11.45 -23.65 -9.02
C ILE A 171 10.41 -24.73 -9.31
N PHE A 172 9.83 -25.31 -8.26
CA PHE A 172 8.79 -26.28 -8.50
C PHE A 172 7.56 -25.57 -9.05
N GLN A 173 7.18 -24.50 -8.38
CA GLN A 173 5.96 -23.80 -8.74
C GLN A 173 6.02 -23.26 -10.15
N SER A 174 7.18 -22.73 -10.53
CA SER A 174 7.39 -22.28 -11.89
C SER A 174 7.37 -23.45 -12.89
N SER A 175 8.01 -24.57 -12.56
CA SER A 175 8.01 -25.71 -13.47
C SER A 175 6.62 -26.27 -13.70
N MET A 176 5.85 -26.37 -12.61
CA MET A 176 4.48 -26.90 -12.65
C MET A 176 3.63 -26.03 -13.56
N THR A 177 3.88 -24.71 -13.52
CA THR A 177 3.17 -23.75 -14.34
C THR A 177 3.52 -23.93 -15.81
N LYS A 178 4.81 -24.14 -16.13
CA LYS A 178 5.17 -24.40 -17.53
C LYS A 178 4.44 -25.64 -18.00
N ILE A 179 4.56 -26.70 -17.20
CA ILE A 179 3.96 -27.98 -17.54
C ILE A 179 2.44 -27.90 -17.78
N LEU A 180 1.71 -27.12 -16.98
CA LEU A 180 0.26 -27.02 -17.16
C LEU A 180 -0.15 -26.01 -18.25
N GLU A 181 0.76 -25.15 -18.66
CA GLU A 181 0.39 -24.12 -19.63
C GLU A 181 -0.33 -24.70 -20.88
N PRO A 182 0.33 -25.63 -21.60
CA PRO A 182 -0.25 -26.27 -22.78
C PRO A 182 -1.61 -26.92 -22.52
N PHE A 183 -1.74 -27.62 -21.41
CA PHE A 183 -3.04 -28.21 -21.09
C PHE A 183 -4.08 -27.13 -20.80
N ARG A 184 -3.64 -25.98 -20.30
CA ARG A 184 -4.55 -24.92 -19.94
C ARG A 184 -5.05 -24.25 -21.22
N LYS A 185 -4.15 -23.99 -22.15
CA LYS A 185 -4.54 -23.32 -23.39
C LYS A 185 -5.44 -24.21 -24.26
N GLN A 186 -5.14 -25.49 -24.24
CA GLN A 186 -5.99 -26.44 -24.93
C GLN A 186 -7.33 -26.57 -24.22
N ASN A 187 -7.34 -26.49 -22.90
CA ASN A 187 -8.58 -26.70 -22.18
C ASN A 187 -8.93 -25.50 -21.32
N PRO A 188 -9.23 -24.38 -21.97
CA PRO A 188 -9.46 -23.12 -21.25
C PRO A 188 -10.57 -23.21 -20.23
N ASP A 189 -11.52 -24.13 -20.42
CA ASP A 189 -12.67 -24.15 -19.53
C ASP A 189 -12.63 -25.24 -18.47
N ILE A 190 -11.50 -25.93 -18.36
CA ILE A 190 -11.23 -26.72 -17.18
C ILE A 190 -10.49 -25.80 -16.21
N VAL A 191 -10.95 -25.69 -14.98
CA VAL A 191 -10.26 -24.81 -14.04
C VAL A 191 -9.34 -25.66 -13.16
N ILE A 192 -8.10 -25.22 -13.00
CA ILE A 192 -7.11 -26.00 -12.27
C ILE A 192 -6.43 -25.11 -11.21
N TYR A 193 -6.84 -25.29 -9.97
CA TYR A 193 -6.21 -24.58 -8.87
C TYR A 193 -4.97 -25.35 -8.51
N GLN A 194 -3.83 -24.68 -8.69
CA GLN A 194 -2.53 -25.30 -8.64
C GLN A 194 -1.74 -24.81 -7.44
N TYR A 195 -1.72 -25.58 -6.36
CA TYR A 195 -0.98 -25.16 -5.17
C TYR A 195 0.07 -26.19 -4.78
N MET A 196 1.34 -25.82 -4.95
CA MET A 196 2.45 -26.76 -5.02
C MET A 196 2.13 -27.81 -6.05
N ASP A 197 1.97 -29.04 -5.57
CA ASP A 197 1.79 -30.18 -6.45
C ASP A 197 0.36 -30.64 -6.35
N ASP A 198 -0.42 -29.88 -5.61
CA ASP A 198 -1.83 -30.17 -5.36
C ASP A 198 -2.72 -29.60 -6.45
N LEU A 199 -3.58 -30.41 -7.04
CA LEU A 199 -4.47 -29.88 -8.07
C LEU A 199 -5.97 -30.10 -7.75
N TYR A 200 -6.70 -28.98 -7.61
CA TYR A 200 -8.16 -28.98 -7.70
C TYR A 200 -8.57 -28.82 -9.16
N VAL A 201 -9.33 -29.76 -9.69
CA VAL A 201 -9.73 -29.67 -11.08
C VAL A 201 -11.23 -29.66 -11.19
N GLY A 202 -11.80 -28.61 -11.77
CA GLY A 202 -13.25 -28.46 -11.84
C GLY A 202 -13.77 -28.20 -13.24
N SER A 203 -14.95 -28.68 -13.53
CA SER A 203 -15.47 -28.53 -14.87
C SER A 203 -16.98 -28.52 -14.84
N ASP A 204 -17.58 -28.19 -15.98
CA ASP A 204 -19.01 -28.21 -16.11
C ASP A 204 -19.49 -29.30 -17.05
N LEU A 205 -18.70 -30.36 -17.14
CA LEU A 205 -19.01 -31.52 -17.96
C LEU A 205 -19.79 -32.53 -17.15
N GLU A 206 -20.47 -33.48 -17.80
CA GLU A 206 -21.03 -34.61 -17.06
C GLU A 206 -19.86 -35.41 -16.52
N ILE A 207 -20.09 -36.13 -15.43
CA ILE A 207 -19.03 -36.85 -14.73
C ILE A 207 -18.29 -37.82 -15.67
N GLY A 208 -19.01 -38.40 -16.61
CA GLY A 208 -18.40 -39.17 -17.68
C GLY A 208 -17.33 -38.43 -18.47
N GLN A 209 -17.70 -37.36 -19.17
CA GLN A 209 -16.72 -36.50 -19.85
C GLN A 209 -15.66 -35.90 -18.93
N HIS A 210 -16.04 -35.57 -17.70
CA HIS A 210 -15.09 -34.98 -16.75
C HIS A 210 -13.97 -35.98 -16.54
N ARG A 211 -14.34 -37.23 -16.24
CA ARG A 211 -13.36 -38.27 -15.89
C ARG A 211 -12.41 -38.47 -17.05
N THR A 212 -12.93 -38.28 -18.24
CA THR A 212 -12.10 -38.40 -19.42
C THR A 212 -11.06 -37.27 -19.55
N LYS A 213 -11.48 -36.05 -19.19
CA LYS A 213 -10.56 -34.91 -19.19
C LYS A 213 -9.51 -35.08 -18.11
N ILE A 214 -9.90 -35.67 -16.99
CA ILE A 214 -8.95 -35.93 -15.92
C ILE A 214 -7.87 -36.88 -16.41
N GLU A 215 -8.27 -37.93 -17.13
CA GLU A 215 -7.31 -38.88 -17.64
C GLU A 215 -6.32 -38.20 -18.60
N GLU A 216 -6.82 -37.27 -19.39
CA GLU A 216 -6.00 -36.53 -20.34
C GLU A 216 -5.01 -35.63 -19.60
N LEU A 217 -5.46 -35.00 -18.50
CA LEU A 217 -4.57 -34.22 -17.64
C LEU A 217 -3.55 -35.13 -16.97
N ARG A 218 -3.97 -36.30 -16.53
CA ARG A 218 -3.07 -37.21 -15.84
C ARG A 218 -2.00 -37.71 -16.81
N GLN A 219 -2.42 -38.07 -18.03
CA GLN A 219 -1.45 -38.45 -19.05
C GLN A 219 -0.52 -37.29 -19.36
N HIS A 220 -1.09 -36.08 -19.40
CA HIS A 220 -0.28 -34.91 -19.72
C HIS A 220 0.81 -34.75 -18.67
N LEU A 221 0.45 -34.85 -17.41
CA LEU A 221 1.42 -34.74 -16.32
C LEU A 221 2.43 -35.88 -16.38
N LEU A 222 1.97 -37.10 -16.68
CA LEU A 222 2.85 -38.25 -16.77
C LEU A 222 3.86 -38.11 -17.94
N ARG A 223 3.46 -37.46 -19.02
CA ARG A 223 4.41 -37.25 -20.12
C ARG A 223 5.56 -36.35 -19.64
N TRP A 224 5.27 -35.39 -18.75
CA TRP A 224 6.32 -34.52 -18.14
C TRP A 224 6.91 -35.09 -16.86
N GLY A 225 6.69 -36.38 -16.58
CA GLY A 225 7.32 -37.06 -15.48
C GLY A 225 6.65 -36.92 -14.11
N LEU A 226 5.44 -36.36 -14.09
CA LEU A 226 4.74 -36.20 -12.83
C LEU A 226 3.60 -37.20 -12.71
N THR A 227 3.74 -38.09 -11.74
CA THR A 227 2.75 -39.13 -11.47
C THR A 227 1.62 -38.64 -10.55
N THR A 228 0.47 -39.27 -10.71
CA THR A 228 -0.63 -38.95 -9.86
C THR A 228 -1.23 -40.24 -9.37
N PRO A 229 -0.81 -40.68 -8.18
CA PRO A 229 -1.20 -41.96 -7.58
C PRO A 229 -2.68 -41.97 -7.28
N ASP A 230 -3.35 -43.08 -7.61
CA ASP A 230 -4.77 -43.17 -7.36
C ASP A 230 -5.08 -42.96 -5.88
N LYS A 231 -4.13 -43.31 -5.02
CA LYS A 231 -4.28 -43.15 -3.58
C LYS A 231 -4.59 -41.69 -3.19
N LYS A 232 -4.07 -40.72 -3.92
CA LYS A 232 -4.35 -39.34 -3.56
C LYS A 232 -5.23 -38.65 -4.60
N HIS A 233 -6.03 -39.47 -5.27
CA HIS A 233 -6.88 -39.04 -6.36
C HIS A 233 -8.32 -39.09 -5.86
N GLN A 234 -8.81 -37.97 -5.35
CA GLN A 234 -10.16 -37.93 -4.79
C GLN A 234 -11.19 -37.74 -5.87
N LYS A 235 -12.22 -38.57 -5.87
CA LYS A 235 -13.20 -38.57 -6.93
C LYS A 235 -14.60 -38.23 -6.44
N GLU A 236 -14.83 -38.36 -5.13
CA GLU A 236 -16.18 -38.15 -4.57
C GLU A 236 -16.14 -37.06 -3.53
N PRO A 237 -17.27 -36.40 -3.28
CA PRO A 237 -17.28 -35.44 -2.18
C PRO A 237 -17.42 -36.17 -0.84
N PRO A 238 -16.97 -35.53 0.24
CA PRO A 238 -16.36 -34.19 0.25
C PRO A 238 -14.88 -34.25 -0.06
N PHE A 239 -14.38 -33.29 -0.82
CA PHE A 239 -12.96 -33.27 -1.14
C PHE A 239 -12.14 -32.62 -0.03
N LEU A 240 -11.02 -33.23 0.34
CA LEU A 240 -10.09 -32.57 1.23
C LEU A 240 -9.14 -31.73 0.41
N TRP A 241 -9.07 -30.44 0.71
CA TRP A 241 -8.32 -29.51 -0.11
C TRP A 241 -7.91 -28.24 0.65
N MET A 242 -6.61 -28.05 0.82
CA MET A 242 -6.06 -26.83 1.40
C MET A 242 -6.49 -26.57 2.84
N GLY A 243 -6.97 -27.62 3.50
CA GLY A 243 -7.36 -27.54 4.89
C GLY A 243 -8.87 -27.45 5.05
N TYR A 244 -9.57 -27.74 3.97
CA TYR A 244 -11.02 -27.63 3.95
C TYR A 244 -11.63 -28.94 3.54
N GLU A 245 -12.94 -29.00 3.70
CA GLU A 245 -13.71 -30.06 3.10
C GLU A 245 -14.66 -29.38 2.18
N LEU A 246 -14.56 -29.69 0.89
CA LEU A 246 -15.42 -29.08 -0.11
C LEU A 246 -16.58 -30.04 -0.43
N HIS A 247 -17.77 -29.65 0.00
CA HIS A 247 -18.98 -30.37 -0.32
C HIS A 247 -19.55 -29.72 -1.56
N PRO A 248 -20.61 -30.29 -2.13
CA PRO A 248 -20.94 -29.79 -3.46
C PRO A 248 -21.52 -28.38 -3.42
N ASP A 249 -22.15 -28.01 -2.31
CA ASP A 249 -22.79 -26.70 -2.19
C ASP A 249 -22.27 -25.90 -1.01
N LYS A 250 -21.37 -26.49 -0.24
CA LYS A 250 -20.87 -25.78 0.92
C LYS A 250 -19.46 -26.23 1.21
N TRP A 251 -18.69 -25.38 1.88
CA TRP A 251 -17.36 -25.79 2.30
C TRP A 251 -17.21 -25.59 3.78
N THR A 252 -16.21 -26.27 4.32
CA THR A 252 -15.96 -26.25 5.74
C THR A 252 -14.47 -26.26 6.05
N VAL A 253 -14.10 -25.79 7.23
CA VAL A 253 -12.72 -25.85 7.65
C VAL A 253 -12.61 -27.12 8.44
N GLN A 254 -11.48 -27.80 8.30
CA GLN A 254 -11.24 -29.00 9.10
C GLN A 254 -11.05 -28.59 10.56
N PRO A 255 -11.61 -29.37 11.48
CA PRO A 255 -11.78 -29.04 12.90
C PRO A 255 -10.58 -28.35 13.51
N ILE A 256 -10.85 -27.28 14.24
CA ILE A 256 -9.82 -26.51 14.90
C ILE A 256 -9.79 -26.81 16.38
N VAL A 257 -8.76 -27.51 16.82
CA VAL A 257 -8.68 -27.91 18.22
C VAL A 257 -7.81 -26.93 18.98
N LEU A 258 -8.42 -26.20 19.90
CA LEU A 258 -7.67 -25.27 20.73
C LEU A 258 -6.92 -25.98 21.85
N PRO A 259 -5.70 -25.50 22.17
CA PRO A 259 -5.02 -25.98 23.39
C PRO A 259 -5.91 -25.81 24.65
N GLU A 260 -5.45 -26.27 25.82
CA GLU A 260 -6.28 -26.17 27.03
C GLU A 260 -5.51 -26.13 28.33
N LYS A 261 -4.28 -25.61 28.29
CA LYS A 261 -3.42 -25.56 29.48
C LYS A 261 -4.02 -24.74 30.63
N ASP A 262 -3.30 -24.66 31.74
CA ASP A 262 -3.70 -23.82 32.86
C ASP A 262 -2.57 -22.85 33.19
N SER A 263 -1.36 -23.25 32.83
CA SER A 263 -0.28 -22.30 32.64
C SER A 263 -0.21 -21.98 31.13
N TRP A 264 0.20 -20.77 30.77
CA TRP A 264 0.35 -20.41 29.36
C TRP A 264 1.66 -19.68 29.14
N THR A 265 2.50 -20.19 28.25
CA THR A 265 3.70 -19.46 27.83
C THR A 265 3.45 -18.50 26.65
N VAL A 266 4.42 -17.64 26.38
CA VAL A 266 4.38 -16.85 25.17
C VAL A 266 4.17 -17.74 23.94
N ASN A 267 4.73 -18.94 23.94
CA ASN A 267 4.69 -19.81 22.76
C ASN A 267 3.32 -20.44 22.52
N ASP A 268 2.64 -20.88 23.58
CA ASP A 268 1.34 -21.50 23.31
C ASP A 268 0.24 -20.44 23.26
N ILE A 269 0.56 -19.21 23.66
CA ILE A 269 -0.33 -18.09 23.40
C ILE A 269 -0.31 -17.78 21.91
N CYS A 270 0.90 -17.55 21.40
CA CYS A 270 1.14 -17.32 19.99
C CYS A 270 0.51 -18.43 19.20
N LYS A 271 0.52 -19.63 19.77
CA LYS A 271 -0.09 -20.76 19.09
C LYS A 271 -1.62 -20.67 19.12
N LEU A 272 -2.17 -20.04 20.15
CA LEU A 272 -3.61 -19.98 20.30
C LEU A 272 -4.20 -18.84 19.48
N VAL A 273 -3.49 -17.73 19.42
CA VAL A 273 -3.87 -16.59 18.58
C VAL A 273 -3.96 -17.02 17.11
N GLY A 274 -2.95 -17.78 16.69
CA GLY A 274 -2.85 -18.30 15.33
C GLY A 274 -4.00 -19.18 14.93
N LYS A 275 -4.33 -20.18 15.74
CA LYS A 275 -5.49 -21.02 15.49
C LYS A 275 -6.78 -20.18 15.47
N LEU A 276 -6.83 -19.13 16.30
CA LEU A 276 -8.00 -18.27 16.33
C LEU A 276 -8.10 -17.44 15.03
N ASN A 277 -6.97 -16.86 14.63
CA ASN A 277 -6.87 -16.11 13.38
C ASN A 277 -7.35 -16.97 12.22
N TRP A 278 -6.71 -18.11 12.09
CA TRP A 278 -7.13 -19.10 11.12
C TRP A 278 -8.64 -19.36 11.21
N ALA A 279 -9.18 -19.41 12.43
CA ALA A 279 -10.59 -19.74 12.62
C ALA A 279 -11.54 -18.65 12.11
N SER A 280 -11.09 -17.40 12.23
CA SER A 280 -11.95 -16.27 11.97
C SER A 280 -12.38 -16.13 10.49
N GLN A 281 -11.74 -16.89 9.60
CA GLN A 281 -12.12 -16.88 8.20
C GLN A 281 -13.51 -17.41 7.97
N ILE A 282 -14.05 -18.18 8.90
CA ILE A 282 -15.42 -18.70 8.69
C ILE A 282 -16.26 -18.66 9.98
N TYR A 283 -15.60 -18.57 11.13
CA TYR A 283 -16.26 -18.34 12.42
C TYR A 283 -16.42 -16.86 12.76
N PRO A 284 -17.64 -16.34 12.69
CA PRO A 284 -17.90 -14.93 12.98
C PRO A 284 -17.65 -14.58 14.44
N GLY A 285 -17.17 -13.38 14.71
CA GLY A 285 -17.03 -12.91 16.07
C GLY A 285 -15.79 -13.28 16.86
N ILE A 286 -14.82 -13.91 16.21
CA ILE A 286 -13.60 -14.25 16.92
C ILE A 286 -12.85 -12.98 17.36
N LYS A 287 -12.29 -13.00 18.58
CA LYS A 287 -11.58 -11.83 19.12
C LYS A 287 -10.28 -12.23 19.79
N VAL A 288 -9.24 -11.44 19.58
CA VAL A 288 -7.96 -11.79 20.15
C VAL A 288 -7.18 -10.58 20.64
N ARG A 289 -7.86 -9.46 20.87
CA ARG A 289 -7.19 -8.29 21.42
C ARG A 289 -6.57 -8.58 22.78
N GLN A 290 -7.42 -9.05 23.70
CA GLN A 290 -7.01 -9.25 25.08
C GLN A 290 -5.92 -10.30 25.22
N LEU A 291 -5.97 -11.31 24.36
CA LEU A 291 -4.96 -12.35 24.33
C LEU A 291 -3.62 -11.85 23.76
N SER A 292 -3.65 -11.07 22.69
CA SER A 292 -2.37 -10.64 22.12
C SER A 292 -1.72 -9.53 22.94
N LYS A 293 -2.48 -8.86 23.80
CA LYS A 293 -1.87 -7.85 24.65
C LYS A 293 -0.86 -8.52 25.57
N LEU A 294 -1.21 -9.72 26.06
CA LEU A 294 -0.31 -10.53 26.89
C LEU A 294 1.10 -10.59 26.32
N LEU A 295 1.20 -10.72 25.00
CA LEU A 295 2.47 -10.92 24.33
C LEU A 295 3.39 -9.69 24.35
N ARG A 296 2.96 -8.62 25.00
CA ARG A 296 3.75 -7.38 24.99
C ARG A 296 4.94 -7.44 25.95
N GLY A 297 6.09 -6.96 25.49
CA GLY A 297 7.31 -6.93 26.28
C GLY A 297 8.03 -8.26 26.42
N THR A 298 7.27 -9.29 26.76
CA THR A 298 7.77 -10.62 27.09
C THR A 298 8.95 -11.10 26.22
N LYS A 299 10.05 -11.42 26.87
CA LYS A 299 11.34 -11.52 26.21
C LYS A 299 11.62 -12.83 25.50
N ALA A 300 10.95 -13.91 25.90
CA ALA A 300 11.20 -15.19 25.23
C ALA A 300 9.95 -16.06 25.19
N LEU A 301 9.97 -17.06 24.31
CA LEU A 301 8.81 -17.93 24.09
C LEU A 301 8.51 -18.73 25.34
N THR A 302 9.56 -19.23 25.95
CA THR A 302 9.45 -20.09 27.11
C THR A 302 8.76 -19.36 28.27
N GLU A 303 8.95 -18.04 28.33
CA GLU A 303 8.36 -17.21 29.39
C GLU A 303 6.88 -17.49 29.60
N VAL A 304 6.48 -17.65 30.85
CA VAL A 304 5.10 -17.94 31.17
C VAL A 304 4.36 -16.66 31.46
N ILE A 305 3.09 -16.62 31.08
CA ILE A 305 2.27 -15.45 31.32
C ILE A 305 0.92 -15.84 31.90
N PRO A 306 0.51 -15.10 32.93
CA PRO A 306 -0.79 -15.33 33.59
C PRO A 306 -1.92 -14.67 32.83
N LEU A 307 -2.99 -15.42 32.60
CA LEU A 307 -4.12 -14.88 31.88
C LEU A 307 -4.77 -13.76 32.67
N THR A 308 -4.76 -12.54 32.12
CA THR A 308 -5.56 -11.45 32.70
C THR A 308 -7.01 -11.86 32.75
N GLU A 309 -7.77 -11.16 33.58
CA GLU A 309 -9.18 -11.44 33.80
C GLU A 309 -9.95 -11.28 32.50
N GLU A 310 -9.52 -10.31 31.70
CA GLU A 310 -10.16 -9.97 30.41
C GLU A 310 -9.80 -10.96 29.33
N ALA A 311 -8.52 -11.28 29.24
CA ALA A 311 -8.04 -12.32 28.32
C ALA A 311 -8.76 -13.63 28.61
N GLU A 312 -8.69 -14.04 29.87
CA GLU A 312 -9.46 -15.14 30.44
C GLU A 312 -10.87 -15.21 29.84
N LEU A 313 -11.58 -14.10 29.93
CA LEU A 313 -12.98 -14.04 29.53
C LEU A 313 -13.12 -14.17 28.01
N GLU A 314 -12.20 -13.50 27.29
CA GLU A 314 -12.17 -13.50 25.82
C GLU A 314 -11.99 -14.91 25.26
N LEU A 315 -10.99 -15.60 25.77
CA LEU A 315 -10.74 -17.00 25.42
C LEU A 315 -11.98 -17.87 25.59
N ALA A 316 -12.73 -17.62 26.66
CA ALA A 316 -13.99 -18.31 26.87
C ALA A 316 -14.96 -18.06 25.72
N GLU A 317 -15.18 -16.79 25.36
CA GLU A 317 -16.18 -16.44 24.34
C GLU A 317 -15.85 -17.13 23.01
N ASN A 318 -14.57 -17.03 22.64
CA ASN A 318 -14.06 -17.74 21.47
C ASN A 318 -14.33 -19.24 21.54
N ARG A 319 -14.09 -19.85 22.71
CA ARG A 319 -14.35 -21.27 22.88
C ARG A 319 -15.81 -21.65 22.61
N GLU A 320 -16.72 -20.76 22.98
CA GLU A 320 -18.13 -21.01 22.74
C GLU A 320 -18.45 -20.85 21.28
N ILE A 321 -17.82 -19.85 20.67
CA ILE A 321 -17.98 -19.62 19.24
C ILE A 321 -17.57 -20.85 18.44
N LEU A 322 -16.39 -21.38 18.74
CA LEU A 322 -15.85 -22.52 18.00
C LEU A 322 -16.72 -23.79 18.13
N LYS A 323 -17.50 -23.89 19.20
CA LYS A 323 -18.36 -25.06 19.43
C LYS A 323 -19.48 -25.21 18.39
N GLU A 324 -19.98 -24.11 17.87
CA GLU A 324 -21.08 -24.16 16.90
C GLU A 324 -20.61 -24.73 15.58
N PRO A 325 -21.56 -25.14 14.74
CA PRO A 325 -21.22 -25.67 13.43
C PRO A 325 -21.33 -24.56 12.40
N VAL A 326 -20.49 -24.55 11.38
CA VAL A 326 -20.49 -23.45 10.45
C VAL A 326 -20.03 -23.87 9.05
N HIS A 327 -20.35 -23.10 8.04
CA HIS A 327 -19.85 -23.41 6.72
C HIS A 327 -19.91 -22.16 5.85
N GLY A 328 -19.33 -22.27 4.66
CA GLY A 328 -19.36 -21.19 3.72
C GLY A 328 -19.98 -21.71 2.47
N VAL A 329 -20.20 -20.81 1.51
CA VAL A 329 -20.75 -21.19 0.24
C VAL A 329 -19.78 -20.77 -0.85
N TYR A 330 -20.05 -21.12 -2.09
CA TYR A 330 -19.15 -20.77 -3.17
C TYR A 330 -19.57 -19.48 -3.84
N TYR A 331 -18.74 -18.99 -4.74
CA TYR A 331 -18.97 -17.71 -5.35
C TYR A 331 -19.87 -17.87 -6.55
N ASP A 332 -20.93 -17.05 -6.59
CA ASP A 332 -21.75 -16.89 -7.78
C ASP A 332 -21.55 -15.50 -8.36
N PRO A 333 -20.84 -15.42 -9.50
CA PRO A 333 -20.41 -14.14 -10.09
C PRO A 333 -21.54 -13.33 -10.72
N SER A 334 -22.66 -13.97 -11.01
CA SER A 334 -23.83 -13.28 -11.55
C SER A 334 -24.51 -12.43 -10.47
N LYS A 335 -23.97 -12.49 -9.26
CA LYS A 335 -24.55 -11.81 -8.12
C LYS A 335 -23.57 -10.82 -7.49
N ASP A 336 -24.06 -10.03 -6.56
CA ASP A 336 -23.27 -9.04 -5.88
C ASP A 336 -22.49 -9.61 -4.72
N LEU A 337 -21.35 -8.99 -4.46
CA LEU A 337 -20.57 -9.22 -3.26
C LEU A 337 -20.92 -8.24 -2.16
N ILE A 338 -21.37 -8.73 -1.02
CA ILE A 338 -21.71 -7.84 0.08
C ILE A 338 -20.85 -8.07 1.30
N ALA A 339 -20.28 -6.99 1.81
CA ALA A 339 -19.52 -7.05 3.06
C ALA A 339 -20.26 -6.32 4.18
N GLU A 340 -20.43 -6.99 5.30
CA GLU A 340 -21.13 -6.47 6.46
C GLU A 340 -20.12 -6.36 7.58
N ILE A 341 -19.90 -5.17 8.12
CA ILE A 341 -18.97 -5.02 9.25
C ILE A 341 -19.70 -4.80 10.57
N GLN A 342 -19.14 -5.30 11.66
CA GLN A 342 -19.70 -5.12 12.99
C GLN A 342 -18.68 -4.58 13.98
N LYS A 343 -19.02 -3.52 14.73
CA LYS A 343 -18.09 -3.02 15.74
C LYS A 343 -18.06 -3.93 16.94
N GLN A 344 -16.86 -4.18 17.45
CA GLN A 344 -16.63 -5.19 18.47
C GLN A 344 -15.99 -4.63 19.75
N GLY A 345 -15.59 -3.37 19.73
CA GLY A 345 -14.97 -2.75 20.89
C GLY A 345 -13.48 -2.96 20.89
N GLN A 346 -12.74 -2.09 21.58
CA GLN A 346 -11.28 -2.24 21.67
C GLN A 346 -10.49 -2.07 20.36
N GLY A 347 -11.11 -1.53 19.33
CA GLY A 347 -10.45 -1.47 18.04
C GLY A 347 -10.53 -2.83 17.37
N GLN A 348 -11.61 -3.54 17.67
CA GLN A 348 -11.85 -4.86 17.12
C GLN A 348 -13.08 -4.85 16.23
N TRP A 349 -12.96 -5.45 15.05
CA TRP A 349 -14.06 -5.50 14.09
C TRP A 349 -14.23 -6.89 13.53
N THR A 350 -15.45 -7.22 13.13
CA THR A 350 -15.71 -8.51 12.51
C THR A 350 -16.47 -8.24 11.23
N TYR A 351 -16.25 -9.06 10.22
CA TYR A 351 -17.01 -8.91 8.99
C TYR A 351 -17.44 -10.27 8.41
N GLN A 352 -18.58 -10.26 7.75
CA GLN A 352 -19.06 -11.40 7.05
C GLN A 352 -19.30 -10.94 5.62
N ILE A 353 -18.84 -11.73 4.66
CA ILE A 353 -19.03 -11.41 3.26
C ILE A 353 -19.98 -12.44 2.69
N TYR A 354 -20.93 -11.99 1.89
CA TYR A 354 -21.99 -12.86 1.40
C TYR A 354 -22.61 -12.34 0.12
N GLN A 355 -23.56 -13.10 -0.41
CA GLN A 355 -24.23 -12.70 -1.63
C GLN A 355 -25.71 -12.76 -1.39
N GLU A 356 -26.12 -13.86 -0.79
CA GLU A 356 -27.48 -14.08 -0.34
C GLU A 356 -27.45 -14.14 1.19
N PRO A 357 -28.42 -13.48 1.84
CA PRO A 357 -28.30 -13.23 3.29
C PRO A 357 -28.23 -14.51 4.10
N PHE A 358 -27.39 -14.52 5.13
CA PHE A 358 -27.25 -15.67 6.02
C PHE A 358 -26.64 -16.91 5.36
N LYS A 359 -26.05 -16.71 4.20
CA LYS A 359 -25.17 -17.70 3.58
C LYS A 359 -23.80 -17.07 3.32
N ASN A 360 -22.94 -17.07 4.33
CA ASN A 360 -21.62 -16.44 4.17
C ASN A 360 -20.75 -17.10 3.15
N LEU A 361 -20.01 -16.28 2.41
CA LEU A 361 -18.90 -16.76 1.62
C LEU A 361 -17.74 -16.97 2.60
N LYS A 362 -17.41 -15.91 3.32
CA LYS A 362 -16.45 -16.04 4.40
C LYS A 362 -16.57 -14.92 5.42
N THR A 363 -15.74 -15.00 6.44
CA THR A 363 -15.76 -14.01 7.48
C THR A 363 -14.32 -13.61 7.75
N GLY A 364 -14.15 -12.73 8.73
CA GLY A 364 -12.85 -12.20 9.07
C GLY A 364 -12.94 -11.21 10.20
N LYS A 365 -11.79 -10.76 10.68
CA LYS A 365 -11.74 -9.74 11.72
C LYS A 365 -10.68 -8.70 11.38
N TYR A 366 -10.81 -7.53 11.99
CA TYR A 366 -9.78 -6.50 11.84
C TYR A 366 -9.53 -5.87 13.20
N ALA A 367 -8.29 -5.81 13.63
CA ALA A 367 -8.00 -5.27 14.95
C ALA A 367 -6.75 -4.42 15.00
N ARG A 368 -6.13 -4.21 13.85
CA ARG A 368 -4.84 -3.55 13.83
C ARG A 368 -4.94 -2.13 14.39
N MET A 369 -4.24 -1.87 15.49
CA MET A 369 -4.15 -0.51 16.01
C MET A 369 -2.97 0.20 15.36
N ARG A 370 -3.27 1.23 14.57
CA ARG A 370 -2.23 2.03 13.95
C ARG A 370 -2.46 3.51 14.21
N GLY A 371 -1.52 4.11 14.92
CA GLY A 371 -1.65 5.46 15.41
C GLY A 371 -1.58 5.52 16.93
N ALA A 372 -0.85 6.49 17.42
CA ALA A 372 -0.85 6.79 18.84
C ALA A 372 -2.28 7.12 19.28
N HIS A 373 -2.95 7.90 18.44
CA HIS A 373 -4.31 8.34 18.70
C HIS A 373 -5.16 8.16 17.46
N THR A 374 -6.36 7.66 17.67
CA THR A 374 -7.25 7.31 16.59
C THR A 374 -8.70 7.41 17.07
N ASN A 375 -9.63 7.17 16.16
CA ASN A 375 -11.03 7.06 16.55
C ASN A 375 -11.69 5.99 15.72
N ASP A 376 -12.96 5.73 15.99
CA ASP A 376 -13.68 4.66 15.32
C ASP A 376 -13.91 4.86 13.83
N VAL A 377 -14.05 6.10 13.39
CA VAL A 377 -14.30 6.30 11.97
C VAL A 377 -13.03 6.00 11.15
N LYS A 378 -11.87 6.42 11.64
CA LYS A 378 -10.59 5.99 11.09
C LYS A 378 -10.51 4.47 11.01
N GLN A 379 -10.77 3.80 12.13
CA GLN A 379 -10.59 2.37 12.20
C GLN A 379 -11.51 1.67 11.23
N LEU A 380 -12.68 2.24 11.02
CA LEU A 380 -13.67 1.62 10.16
C LEU A 380 -13.16 1.70 8.74
N THR A 381 -12.56 2.83 8.43
CA THR A 381 -11.97 3.09 7.13
C THR A 381 -10.78 2.15 6.87
N GLU A 382 -10.05 1.79 7.91
CA GLU A 382 -8.98 0.82 7.73
C GLU A 382 -9.54 -0.59 7.46
N ALA A 383 -10.62 -0.93 8.15
CA ALA A 383 -11.31 -2.19 7.96
C ALA A 383 -11.85 -2.34 6.54
N VAL A 384 -12.47 -1.28 6.03
CA VAL A 384 -13.00 -1.29 4.70
C VAL A 384 -11.86 -1.47 3.71
N GLN A 385 -10.74 -0.81 3.99
CA GLN A 385 -9.60 -0.88 3.09
C GLN A 385 -9.06 -2.31 3.02
N LYS A 386 -8.84 -2.92 4.17
CA LYS A 386 -8.32 -4.27 4.18
C LYS A 386 -9.28 -5.21 3.46
N ILE A 387 -10.56 -5.11 3.78
CA ILE A 387 -11.58 -5.98 3.19
C ILE A 387 -11.65 -5.85 1.67
N THR A 388 -11.50 -4.63 1.19
CA THR A 388 -11.49 -4.36 -0.24
C THR A 388 -10.34 -5.06 -0.92
N THR A 389 -9.17 -4.98 -0.31
CA THR A 389 -7.99 -5.56 -0.93
C THR A 389 -8.08 -7.06 -0.94
N GLU A 390 -8.64 -7.60 0.13
CA GLU A 390 -8.85 -9.02 0.24
C GLU A 390 -9.92 -9.51 -0.73
N SER A 391 -10.96 -8.71 -0.96
CA SER A 391 -11.97 -9.11 -1.93
C SER A 391 -11.41 -9.11 -3.36
N ILE A 392 -10.46 -8.24 -3.61
CA ILE A 392 -9.89 -8.14 -4.92
C ILE A 392 -9.00 -9.34 -5.15
N VAL A 393 -8.27 -9.76 -4.12
CA VAL A 393 -7.46 -10.96 -4.24
C VAL A 393 -8.38 -12.17 -4.47
N ILE A 394 -9.37 -12.35 -3.61
CA ILE A 394 -10.21 -13.55 -3.71
C ILE A 394 -11.22 -13.58 -4.87
N TRP A 395 -11.94 -12.49 -5.09
CA TRP A 395 -12.97 -12.49 -6.13
C TRP A 395 -12.65 -11.56 -7.29
N GLY A 396 -11.62 -10.74 -7.15
CA GLY A 396 -11.21 -9.84 -8.21
C GLY A 396 -12.11 -8.63 -8.37
N LYS A 397 -12.83 -8.27 -7.32
CA LYS A 397 -13.66 -7.09 -7.40
C LYS A 397 -13.97 -6.60 -6.01
N THR A 398 -14.39 -5.34 -5.92
CA THR A 398 -14.76 -4.76 -4.65
C THR A 398 -16.18 -5.18 -4.27
N PRO A 399 -16.46 -5.38 -2.98
CA PRO A 399 -17.81 -5.71 -2.55
C PRO A 399 -18.60 -4.45 -2.20
N LYS A 400 -19.91 -4.58 -2.15
CA LYS A 400 -20.77 -3.50 -1.66
C LYS A 400 -20.79 -3.60 -0.14
N PHE A 401 -20.81 -2.45 0.54
CA PHE A 401 -20.70 -2.51 2.00
C PHE A 401 -21.99 -2.21 2.78
N LYS A 402 -22.15 -2.91 3.89
CA LYS A 402 -23.15 -2.58 4.89
C LYS A 402 -22.41 -2.21 6.16
N LEU A 403 -22.43 -0.93 6.53
CA LEU A 403 -21.65 -0.45 7.67
C LEU A 403 -22.52 0.16 8.75
N PRO A 404 -22.14 -0.03 10.02
CA PRO A 404 -22.92 0.49 11.14
C PRO A 404 -22.54 1.93 11.44
N ILE A 405 -22.75 2.81 10.46
CA ILE A 405 -22.39 4.22 10.62
C ILE A 405 -23.36 5.02 9.77
N GLN A 406 -23.98 6.05 10.37
CA GLN A 406 -25.00 6.81 9.63
C GLN A 406 -24.35 7.66 8.59
N LYS A 407 -25.01 7.78 7.44
CA LYS A 407 -24.51 8.61 6.36
C LYS A 407 -24.12 10.02 6.84
N GLU A 408 -24.88 10.57 7.78
CA GLU A 408 -24.58 11.91 8.31
C GLU A 408 -23.28 11.92 9.10
N THR A 409 -23.03 10.86 9.86
CA THR A 409 -21.81 10.73 10.63
C THR A 409 -20.58 10.78 9.74
N TRP A 410 -20.59 9.93 8.72
CA TRP A 410 -19.48 9.82 7.81
C TRP A 410 -19.29 11.16 7.13
N GLU A 411 -20.39 11.76 6.71
CA GLU A 411 -20.36 13.08 6.06
C GLU A 411 -19.67 14.15 6.86
N THR A 412 -20.10 14.33 8.10
CA THR A 412 -19.44 15.23 9.03
C THR A 412 -17.92 15.00 9.05
N TRP A 413 -17.54 13.75 9.34
CA TRP A 413 -16.13 13.37 9.46
C TRP A 413 -15.34 13.74 8.23
N TRP A 414 -15.90 13.43 7.07
CA TRP A 414 -15.27 13.70 5.79
C TRP A 414 -15.11 15.18 5.47
N THR A 415 -16.11 15.99 5.80
CA THR A 415 -16.02 17.42 5.50
C THR A 415 -15.23 18.18 6.55
N GLU A 416 -14.60 17.49 7.48
CA GLU A 416 -13.82 18.19 8.50
C GLU A 416 -12.47 17.53 8.80
N TYR A 417 -12.22 16.39 8.18
CA TYR A 417 -10.89 15.78 8.26
C TYR A 417 -10.08 16.41 7.16
N TRP A 418 -8.86 16.85 7.48
CA TRP A 418 -8.05 17.60 6.51
C TRP A 418 -7.37 16.67 5.52
N GLN A 419 -7.71 15.39 5.58
CA GLN A 419 -7.13 14.39 4.70
C GLN A 419 -8.13 13.84 3.70
N ALA A 420 -7.62 13.32 2.59
CA ALA A 420 -8.48 12.61 1.66
C ALA A 420 -8.84 11.25 2.23
N THR A 421 -10.13 11.01 2.37
CA THR A 421 -10.58 9.73 2.89
C THR A 421 -11.82 9.39 2.10
N TRP A 422 -12.07 8.10 1.91
CA TRP A 422 -13.20 7.70 1.09
C TRP A 422 -13.56 6.24 1.29
N ILE A 423 -14.85 5.96 1.28
CA ILE A 423 -15.31 4.59 1.33
C ILE A 423 -16.12 4.27 0.08
N PRO A 424 -15.93 3.05 -0.47
CA PRO A 424 -16.71 2.69 -1.64
C PRO A 424 -18.20 2.65 -1.34
N GLU A 425 -18.96 2.15 -2.30
CA GLU A 425 -20.41 2.13 -2.19
C GLU A 425 -20.84 1.40 -0.91
N TRP A 426 -21.58 2.10 -0.06
CA TRP A 426 -22.11 1.46 1.13
C TRP A 426 -23.52 1.89 1.49
N GLU A 427 -24.07 1.23 2.50
CA GLU A 427 -25.41 1.45 2.95
C GLU A 427 -25.44 1.18 4.44
N PHE A 428 -26.21 1.96 5.20
CA PHE A 428 -26.14 1.90 6.66
C PHE A 428 -26.88 0.69 7.26
N VAL A 429 -26.46 0.23 8.43
CA VAL A 429 -27.06 -0.95 9.07
C VAL A 429 -27.28 -0.75 10.57
N ASN A 430 -28.53 -0.58 10.99
CA ASN A 430 -28.86 -0.22 12.38
C ASN A 430 -28.32 -1.14 13.46
N THR A 431 -27.64 -2.21 13.09
CA THR A 431 -27.14 -3.16 14.08
C THR A 431 -26.01 -2.56 14.92
N PRO A 432 -26.31 -2.24 16.19
CA PRO A 432 -25.35 -1.61 17.13
C PRO A 432 -24.23 -2.55 17.50
N PRO A 433 -23.17 -2.02 18.12
CA PRO A 433 -23.01 -0.60 18.45
C PRO A 433 -22.55 0.31 17.31
N LEU A 434 -23.40 1.24 16.86
CA LEU A 434 -23.06 2.16 15.78
C LEU A 434 -21.76 2.94 15.98
N VAL A 435 -21.07 3.26 14.88
CA VAL A 435 -19.85 4.03 14.97
C VAL A 435 -20.20 5.50 14.93
N LYS A 436 -19.57 6.29 15.78
CA LYS A 436 -19.89 7.72 15.81
C LYS A 436 -18.71 8.58 16.21
N LEU A 437 -18.84 9.88 15.98
CA LEU A 437 -17.88 10.82 16.53
C LEU A 437 -18.37 11.23 17.89
N TRP A 438 -17.48 11.21 18.87
CA TRP A 438 -17.88 11.36 20.25
C TRP A 438 -17.80 12.79 20.74
N TYR A 439 -17.40 13.70 19.87
CA TYR A 439 -17.43 15.11 20.21
C TYR A 439 -17.02 15.84 18.98
N GLN A 440 -17.15 17.15 18.98
CA GLN A 440 -16.91 17.91 17.78
C GLN A 440 -16.44 19.32 18.10
N LEU A 441 -15.20 19.61 17.78
CA LEU A 441 -14.69 20.95 17.90
C LEU A 441 -15.54 21.96 17.13
N GLU A 442 -15.70 23.14 17.71
CA GLU A 442 -16.43 24.21 17.05
C GLU A 442 -15.61 24.76 15.91
N LYS A 443 -16.26 25.23 14.87
CA LYS A 443 -15.50 25.93 13.84
C LYS A 443 -15.41 27.44 14.13
N GLU A 444 -16.28 27.98 14.98
CA GLU A 444 -16.16 29.40 15.34
C GLU A 444 -15.97 29.53 16.83
N PRO A 445 -15.26 30.59 17.27
CA PRO A 445 -15.15 30.80 18.72
C PRO A 445 -16.53 30.93 19.34
N ILE A 446 -16.64 30.58 20.61
CA ILE A 446 -17.92 30.53 21.30
C ILE A 446 -18.22 31.77 22.15
N VAL A 447 -19.32 32.46 21.85
CA VAL A 447 -19.81 33.55 22.69
C VAL A 447 -20.27 33.07 24.06
N GLY A 448 -19.79 33.77 25.09
CA GLY A 448 -20.15 33.43 26.46
C GLY A 448 -19.43 32.23 26.99
N ALA A 449 -18.43 31.75 26.26
CA ALA A 449 -17.56 30.75 26.81
C ALA A 449 -16.32 31.48 27.27
N GLU A 450 -15.77 31.07 28.41
CA GLU A 450 -14.58 31.70 28.92
C GLU A 450 -13.38 31.35 28.03
N THR A 451 -12.42 32.27 27.89
CA THR A 451 -11.27 32.01 27.05
C THR A 451 -10.03 31.63 27.86
N PHE A 452 -9.51 30.44 27.62
CA PHE A 452 -8.28 29.98 28.28
C PHE A 452 -7.07 30.08 27.36
N TYR A 453 -6.05 30.82 27.77
CA TYR A 453 -4.77 30.75 27.08
C TYR A 453 -3.90 29.75 27.84
N VAL A 454 -3.59 28.62 27.21
CA VAL A 454 -2.81 27.58 27.87
C VAL A 454 -1.37 27.57 27.39
N ASP A 455 -0.49 26.98 28.18
CA ASP A 455 0.91 26.85 27.78
C ASP A 455 1.69 25.96 28.73
N GLY A 456 2.81 25.44 28.24
CA GLY A 456 3.70 24.63 29.05
C GLY A 456 5.16 24.92 28.72
N ALA A 457 6.04 24.64 29.68
CA ALA A 457 7.46 24.77 29.45
C ALA A 457 8.13 23.63 30.21
N ALA A 458 9.18 23.08 29.62
CA ALA A 458 9.89 22.00 30.25
C ALA A 458 11.38 22.25 30.12
N ASN A 459 12.13 21.96 31.18
CA ASN A 459 13.58 22.07 31.16
C ASN A 459 14.20 20.74 30.70
N ARG A 460 14.96 20.75 29.62
CA ARG A 460 15.44 19.50 29.03
C ARG A 460 16.44 18.76 29.93
N GLU A 461 17.13 19.51 30.77
CA GLU A 461 18.11 18.91 31.67
C GLU A 461 17.44 18.25 32.86
N THR A 462 16.76 19.07 33.66
CA THR A 462 16.11 18.62 34.90
C THR A 462 14.86 17.79 34.67
N LYS A 463 14.27 17.94 33.49
CA LYS A 463 13.01 17.29 33.15
C LYS A 463 11.85 17.85 33.99
N LEU A 464 12.07 19.00 34.61
CA LEU A 464 11.00 19.65 35.36
C LEU A 464 10.20 20.54 34.42
N GLY A 465 8.91 20.68 34.70
CA GLY A 465 8.10 21.49 33.82
C GLY A 465 6.92 22.12 34.54
N LYS A 466 6.38 23.16 33.91
CA LYS A 466 5.16 23.78 34.36
C LYS A 466 4.15 23.79 33.23
N ALA A 467 2.88 23.64 33.60
CA ALA A 467 1.77 23.75 32.67
C ALA A 467 0.72 24.66 33.31
N GLY A 468 -0.03 25.39 32.51
CA GLY A 468 -0.95 26.33 33.13
C GLY A 468 -1.75 27.13 32.14
N TYR A 469 -2.67 27.93 32.67
CA TYR A 469 -3.48 28.83 31.86
C TYR A 469 -3.60 30.19 32.49
N VAL A 470 -4.28 31.05 31.73
CA VAL A 470 -4.63 32.39 32.12
C VAL A 470 -5.92 32.58 31.33
N THR A 471 -6.97 33.13 31.96
CA THR A 471 -8.26 33.31 31.29
C THR A 471 -8.64 34.77 31.18
N ASN A 472 -9.56 35.09 30.28
CA ASN A 472 -10.00 36.46 30.09
C ASN A 472 -10.81 37.00 31.25
N ARG A 473 -11.21 36.12 32.16
CA ARG A 473 -11.98 36.51 33.34
C ARG A 473 -11.05 36.64 34.53
N GLY A 474 -9.76 36.58 34.28
CA GLY A 474 -8.76 36.85 35.31
C GLY A 474 -8.32 35.68 36.17
N ARG A 475 -8.61 34.45 35.76
CA ARG A 475 -8.10 33.31 36.50
C ARG A 475 -6.73 32.90 36.03
N GLN A 476 -5.87 32.43 36.92
CA GLN A 476 -4.65 31.82 36.45
C GLN A 476 -4.25 30.69 37.36
N LYS A 477 -3.73 29.63 36.75
CA LYS A 477 -3.33 28.45 37.47
C LYS A 477 -2.07 27.91 36.83
N VAL A 478 -1.11 27.52 37.63
CA VAL A 478 0.09 26.87 37.12
C VAL A 478 0.30 25.59 37.89
N VAL A 479 0.41 24.46 37.18
CA VAL A 479 0.75 23.18 37.80
C VAL A 479 2.21 22.76 37.51
N THR A 480 2.93 22.33 38.54
CA THR A 480 4.30 21.87 38.36
C THR A 480 4.34 20.38 38.09
N LEU A 481 5.26 19.97 37.23
CA LEU A 481 5.33 18.61 36.74
C LEU A 481 6.77 18.09 36.81
N THR A 482 6.92 16.79 37.07
CA THR A 482 8.24 16.20 37.08
C THR A 482 8.40 15.13 36.03
N ASP A 483 9.63 14.99 35.53
CA ASP A 483 9.94 13.98 34.55
C ASP A 483 9.02 14.13 33.36
N THR A 484 9.14 15.24 32.65
CA THR A 484 8.16 15.58 31.63
C THR A 484 8.84 16.13 30.39
N THR A 485 8.04 16.59 29.45
CA THR A 485 8.56 17.11 28.20
C THR A 485 7.72 18.25 27.73
N ASN A 486 8.25 18.99 26.77
CA ASN A 486 7.52 20.12 26.22
C ASN A 486 6.16 19.74 25.69
N GLN A 487 6.12 18.72 24.83
CA GLN A 487 4.86 18.27 24.27
C GLN A 487 3.92 17.91 25.42
N LYS A 488 4.43 17.15 26.39
CA LYS A 488 3.61 16.69 27.51
C LYS A 488 3.03 17.86 28.32
N THR A 489 3.82 18.91 28.56
CA THR A 489 3.27 20.02 29.31
C THR A 489 2.19 20.74 28.49
N GLU A 490 2.39 20.86 27.18
CA GLU A 490 1.38 21.51 26.32
C GLU A 490 0.05 20.76 26.39
N LEU A 491 0.13 19.44 26.48
CA LEU A 491 -1.05 18.58 26.60
C LEU A 491 -1.65 18.67 27.98
N GLN A 492 -0.78 18.75 29.00
CA GLN A 492 -1.20 18.94 30.39
C GLN A 492 -1.97 20.26 30.56
N ALA A 493 -1.52 21.31 29.88
CA ALA A 493 -2.16 22.61 30.01
C ALA A 493 -3.56 22.57 29.43
N ILE A 494 -3.71 21.94 28.28
CA ILE A 494 -5.01 21.85 27.65
C ILE A 494 -5.97 21.08 28.54
N TYR A 495 -5.46 20.05 29.20
CA TYR A 495 -6.25 19.21 30.09
C TYR A 495 -6.72 19.99 31.30
N LEU A 496 -5.78 20.73 31.87
CA LEU A 496 -6.04 21.62 32.99
C LEU A 496 -7.17 22.60 32.66
N ALA A 497 -7.09 23.23 31.50
CA ALA A 497 -8.13 24.18 31.10
C ALA A 497 -9.48 23.48 30.91
N LEU A 498 -9.48 22.22 30.49
CA LEU A 498 -10.71 21.48 30.33
C LEU A 498 -11.32 21.14 31.68
N GLN A 499 -10.44 20.92 32.64
CA GLN A 499 -10.86 20.61 34.00
C GLN A 499 -11.48 21.80 34.74
N ASP A 500 -10.96 23.00 34.50
CA ASP A 500 -11.40 24.13 35.29
C ASP A 500 -12.35 25.01 34.52
N SER A 501 -12.82 24.53 33.39
CA SER A 501 -13.70 25.31 32.53
C SER A 501 -15.12 24.80 32.62
N GLY A 502 -16.06 25.53 32.06
CA GLY A 502 -17.45 25.12 32.14
C GLY A 502 -17.77 24.19 31.00
N LEU A 503 -19.05 24.02 30.73
CA LEU A 503 -19.50 23.15 29.65
C LEU A 503 -19.10 23.71 28.30
N GLU A 504 -18.82 25.01 28.26
CA GLU A 504 -18.39 25.63 27.02
C GLU A 504 -17.09 26.40 27.30
N VAL A 505 -16.12 26.26 26.42
CA VAL A 505 -14.79 26.83 26.64
C VAL A 505 -14.05 27.10 25.31
N ASN A 506 -13.35 28.23 25.28
CA ASN A 506 -12.45 28.58 24.21
C ASN A 506 -11.05 28.38 24.71
N ILE A 507 -10.25 27.61 23.98
CA ILE A 507 -8.86 27.37 24.38
C ILE A 507 -7.91 27.84 23.27
N VAL A 508 -6.95 28.67 23.65
CA VAL A 508 -5.92 29.12 22.74
C VAL A 508 -4.59 28.49 23.14
N THR A 509 -4.00 27.76 22.21
CA THR A 509 -2.73 27.06 22.42
C THR A 509 -1.71 27.57 21.40
N ASP A 510 -0.42 27.45 21.70
CA ASP A 510 0.59 27.73 20.67
C ASP A 510 1.28 26.45 20.16
N SER A 511 0.72 25.30 20.55
CA SER A 511 1.30 24.00 20.23
C SER A 511 0.65 23.31 19.05
N GLN A 512 1.31 23.33 17.88
CA GLN A 512 0.85 22.57 16.71
C GLN A 512 0.63 21.15 17.05
N TYR A 513 1.63 20.59 17.76
CA TYR A 513 1.58 19.27 18.32
C TYR A 513 0.22 18.92 18.92
N ALA A 514 -0.17 19.66 19.97
CA ALA A 514 -1.41 19.39 20.70
C ALA A 514 -2.63 19.61 19.85
N LEU A 515 -2.55 20.61 18.98
CA LEU A 515 -3.64 20.99 18.11
C LEU A 515 -3.91 19.94 17.06
N GLY A 516 -2.84 19.36 16.52
CA GLY A 516 -2.99 18.30 15.55
C GLY A 516 -3.66 17.05 16.09
N ILE A 517 -3.35 16.67 17.32
CA ILE A 517 -3.98 15.51 17.91
C ILE A 517 -5.46 15.74 18.16
N ILE A 518 -5.79 16.78 18.92
CA ILE A 518 -7.16 17.01 19.30
C ILE A 518 -8.04 17.29 18.10
N GLN A 519 -7.52 18.04 17.14
CA GLN A 519 -8.27 18.35 15.92
C GLN A 519 -8.65 17.14 15.10
N ALA A 520 -7.99 16.00 15.32
CA ALA A 520 -8.37 14.80 14.58
C ALA A 520 -9.40 13.95 15.33
N GLN A 521 -9.88 14.45 16.47
CA GLN A 521 -11.04 13.88 17.15
C GLN A 521 -10.86 12.43 17.62
N PRO A 522 -9.76 12.16 18.30
CA PRO A 522 -9.54 10.82 18.80
C PRO A 522 -10.50 10.45 19.92
N ASP A 523 -10.88 9.18 19.96
CA ASP A 523 -11.60 8.66 21.10
C ASP A 523 -10.81 7.58 21.83
N GLN A 524 -9.70 7.13 21.25
CA GLN A 524 -8.79 6.20 21.95
C GLN A 524 -7.37 6.64 21.74
N SER A 525 -6.53 6.35 22.73
CA SER A 525 -5.12 6.72 22.65
C SER A 525 -4.27 5.78 23.48
N GLU A 526 -3.03 5.63 23.07
CA GLU A 526 -2.02 4.94 23.88
C GLU A 526 -1.72 5.75 25.12
N SER A 527 -1.93 7.06 24.99
CA SER A 527 -1.57 8.00 26.05
C SER A 527 -2.60 8.08 27.16
N GLU A 528 -2.17 7.87 28.39
CA GLU A 528 -3.04 8.05 29.55
C GLU A 528 -3.60 9.47 29.50
N LEU A 529 -2.70 10.44 29.38
CA LEU A 529 -3.05 11.84 29.37
C LEU A 529 -4.02 12.20 28.23
N VAL A 530 -3.79 11.68 27.03
CA VAL A 530 -4.68 12.01 25.91
C VAL A 530 -6.05 11.41 26.15
N ASN A 531 -6.07 10.28 26.84
CA ASN A 531 -7.33 9.63 27.12
C ASN A 531 -8.13 10.48 28.12
N GLN A 532 -7.46 10.98 29.17
CA GLN A 532 -8.09 11.89 30.12
C GLN A 532 -8.64 13.14 29.43
N ILE A 533 -7.85 13.70 28.52
CA ILE A 533 -8.30 14.81 27.71
C ILE A 533 -9.56 14.48 26.92
N ILE A 534 -9.57 13.32 26.26
CA ILE A 534 -10.72 12.88 25.47
C ILE A 534 -11.97 12.74 26.34
N GLU A 535 -11.78 12.22 27.54
CA GLU A 535 -12.88 12.07 28.48
C GLU A 535 -13.54 13.43 28.72
N GLN A 536 -12.73 14.44 28.97
CA GLN A 536 -13.22 15.81 29.11
C GLN A 536 -13.88 16.36 27.86
N LEU A 537 -13.30 16.11 26.68
CA LEU A 537 -13.89 16.66 25.46
C LEU A 537 -15.29 16.09 25.24
N ILE A 538 -15.51 14.86 25.67
CA ILE A 538 -16.81 14.23 25.49
C ILE A 538 -17.83 14.83 26.45
N LYS A 539 -17.40 15.18 27.67
CA LYS A 539 -18.31 15.82 28.64
C LYS A 539 -18.77 17.24 28.24
N LYS A 540 -17.97 17.94 27.44
CA LYS A 540 -18.26 19.31 27.11
C LYS A 540 -19.44 19.44 26.13
N GLU A 541 -20.02 20.62 26.10
CA GLU A 541 -21.05 20.96 25.14
C GLU A 541 -20.40 21.53 23.90
N LYS A 542 -19.51 22.48 24.12
CA LYS A 542 -18.79 23.14 23.05
C LYS A 542 -17.32 23.40 23.40
N VAL A 543 -16.42 22.97 22.53
CA VAL A 543 -15.03 23.34 22.66
C VAL A 543 -14.61 24.02 21.40
N TYR A 544 -13.80 25.07 21.53
CA TYR A 544 -13.19 25.68 20.38
C TYR A 544 -11.72 25.91 20.68
N LEU A 545 -10.89 25.34 19.81
CA LEU A 545 -9.44 25.26 20.03
C LEU A 545 -8.76 26.06 18.92
N ALA A 546 -8.05 27.12 19.31
CA ALA A 546 -7.42 28.00 18.35
C ALA A 546 -5.90 27.96 18.52
N TRP A 547 -5.17 28.38 17.50
CA TRP A 547 -3.71 28.35 17.60
C TRP A 547 -3.10 29.73 17.43
N VAL A 548 -2.05 30.02 18.18
CA VAL A 548 -1.28 31.21 17.88
C VAL A 548 0.20 30.86 17.91
N PRO A 549 1.00 31.66 17.19
CA PRO A 549 2.46 31.57 17.17
C PRO A 549 3.03 31.92 18.53
N ALA A 550 3.88 31.05 19.08
CA ALA A 550 4.48 31.26 20.40
C ALA A 550 5.61 32.29 20.35
N HIS A 551 5.89 32.89 21.50
CA HIS A 551 6.93 33.91 21.62
C HIS A 551 6.82 35.03 20.59
N LYS A 552 5.61 35.37 20.17
CA LYS A 552 5.43 36.50 19.27
C LYS A 552 4.68 37.64 19.95
N GLY A 553 4.74 37.67 21.29
CA GLY A 553 4.18 38.74 22.09
C GLY A 553 2.65 38.87 22.07
N ILE A 554 1.98 37.86 21.52
CA ILE A 554 0.53 37.85 21.41
C ILE A 554 -0.14 37.55 22.76
N GLY A 555 -0.65 38.57 23.43
CA GLY A 555 -1.32 38.33 24.70
C GLY A 555 -2.59 37.59 24.36
N GLY A 556 -3.12 36.82 25.30
CA GLY A 556 -2.51 36.63 26.60
C GLY A 556 -1.79 35.32 26.60
N ASN A 557 -1.43 34.87 25.40
CA ASN A 557 -0.43 33.82 25.27
C ASN A 557 0.82 34.32 25.95
N GLU A 558 1.10 35.60 25.76
CA GLU A 558 2.27 36.23 26.37
C GLU A 558 2.23 36.06 27.87
N GLN A 559 1.08 36.37 28.46
CA GLN A 559 0.90 36.31 29.91
C GLN A 559 1.21 34.91 30.45
N VAL A 560 0.62 33.89 29.82
CA VAL A 560 0.75 32.53 30.33
C VAL A 560 2.12 31.93 30.04
N ASP A 561 2.78 32.43 28.98
CA ASP A 561 4.15 32.02 28.70
C ASP A 561 5.07 32.44 29.84
N LYS A 562 4.88 33.64 30.37
CA LYS A 562 5.68 34.12 31.49
C LYS A 562 5.51 33.24 32.72
N LEU A 563 4.25 32.87 33.02
CA LEU A 563 3.92 32.01 34.15
C LEU A 563 4.63 30.67 34.15
N VAL A 564 4.44 29.91 33.08
CA VAL A 564 4.99 28.55 33.03
C VAL A 564 6.49 28.56 32.76
N SER A 565 6.98 29.70 32.27
CA SER A 565 8.40 29.84 31.96
C SER A 565 9.25 30.03 33.21
N ALA A 566 8.70 30.75 34.17
CA ALA A 566 9.41 31.13 35.38
C ALA A 566 9.97 29.91 36.10
N GLY A 567 11.28 29.91 36.27
CA GLY A 567 11.97 28.81 36.93
C GLY A 567 12.14 27.58 36.07
N ILE A 568 11.86 27.70 34.78
CA ILE A 568 11.98 26.57 33.86
C ILE A 568 12.89 26.91 32.70
N ARG A 569 12.79 28.15 32.23
CA ARG A 569 13.39 28.57 30.99
C ARG A 569 14.10 29.90 31.16
N GLU B 6 21.36 -3.71 -33.74
CA GLU B 6 22.34 -3.72 -32.66
C GLU B 6 21.92 -2.76 -31.54
N THR B 7 22.01 -3.24 -30.30
CA THR B 7 21.50 -2.51 -29.13
C THR B 7 22.52 -1.55 -28.48
N VAL B 8 21.99 -0.52 -27.84
CA VAL B 8 22.80 0.38 -27.00
C VAL B 8 23.09 -0.29 -25.66
N PRO B 9 24.37 -0.36 -25.27
CA PRO B 9 24.69 -0.88 -23.92
C PRO B 9 24.22 0.05 -22.81
N VAL B 10 23.43 -0.47 -21.88
CA VAL B 10 22.98 0.35 -20.78
C VAL B 10 23.25 -0.35 -19.46
N LYS B 11 23.62 0.46 -18.46
CA LYS B 11 24.00 -0.05 -17.14
C LYS B 11 23.25 0.68 -16.05
N LEU B 12 23.10 0.04 -14.90
CA LEU B 12 22.54 0.70 -13.73
C LEU B 12 23.53 1.70 -13.17
N LYS B 13 23.04 2.66 -12.40
CA LYS B 13 23.91 3.53 -11.63
C LYS B 13 24.84 2.67 -10.79
N PRO B 14 26.09 3.11 -10.64
CA PRO B 14 27.10 2.32 -9.94
C PRO B 14 26.71 2.00 -8.49
N GLY B 15 26.88 0.74 -8.09
CA GLY B 15 26.60 0.33 -6.73
C GLY B 15 25.12 0.24 -6.47
N MET B 16 24.34 0.05 -7.53
CA MET B 16 22.90 -0.08 -7.39
C MET B 16 22.36 -1.36 -8.07
N ASP B 17 21.53 -2.10 -7.32
CA ASP B 17 20.95 -3.33 -7.82
C ASP B 17 19.60 -3.05 -8.47
N GLY B 18 19.07 -4.05 -9.18
CA GLY B 18 17.79 -3.94 -9.87
C GLY B 18 16.60 -3.83 -8.94
N PRO B 19 15.43 -3.55 -9.49
CA PRO B 19 14.25 -3.41 -8.63
C PRO B 19 13.72 -4.75 -8.11
N LYS B 20 13.25 -4.71 -6.87
CA LYS B 20 12.64 -5.86 -6.24
C LYS B 20 11.35 -5.46 -5.51
N VAL B 21 10.38 -4.98 -6.29
CA VAL B 21 9.09 -4.48 -5.79
C VAL B 21 7.97 -5.50 -6.00
N LYS B 22 7.19 -5.78 -4.95
CA LYS B 22 6.14 -6.77 -5.05
C LYS B 22 4.94 -6.28 -5.85
N GLN B 23 4.42 -7.15 -6.71
CA GLN B 23 3.22 -6.88 -7.48
C GLN B 23 2.02 -6.77 -6.56
N TRP B 24 1.13 -5.83 -6.83
CA TRP B 24 -0.02 -5.69 -5.93
C TRP B 24 -1.25 -6.37 -6.50
N PRO B 25 -2.31 -6.48 -5.70
CA PRO B 25 -3.43 -7.24 -6.26
C PRO B 25 -4.18 -6.45 -7.32
N LEU B 26 -4.64 -7.17 -8.34
CA LEU B 26 -5.25 -6.56 -9.50
C LEU B 26 -6.68 -7.02 -9.61
N THR B 27 -7.56 -6.19 -10.19
CA THR B 27 -8.92 -6.62 -10.43
C THR B 27 -8.98 -7.60 -11.57
N GLU B 28 -10.08 -8.35 -11.65
CA GLU B 28 -10.27 -9.35 -12.68
C GLU B 28 -10.19 -8.70 -14.04
N GLU B 29 -10.93 -7.62 -14.22
CA GLU B 29 -10.85 -6.82 -15.45
C GLU B 29 -9.43 -6.50 -15.87
N LYS B 30 -8.65 -5.94 -14.95
CA LYS B 30 -7.27 -5.57 -15.24
C LYS B 30 -6.41 -6.78 -15.56
N ILE B 31 -6.66 -7.90 -14.89
CA ILE B 31 -5.86 -9.10 -15.11
C ILE B 31 -6.15 -9.72 -16.46
N LYS B 32 -7.43 -9.83 -16.80
CA LYS B 32 -7.82 -10.34 -18.12
C LYS B 32 -7.22 -9.48 -19.21
N ALA B 33 -7.25 -8.17 -19.03
CA ALA B 33 -6.63 -7.30 -20.01
C ALA B 33 -5.13 -7.55 -20.11
N LEU B 34 -4.45 -7.61 -18.97
CA LEU B 34 -3.01 -7.81 -18.95
C LEU B 34 -2.58 -9.12 -19.58
N VAL B 35 -3.35 -10.19 -19.38
CA VAL B 35 -3.02 -11.50 -19.93
C VAL B 35 -3.25 -11.50 -21.45
N GLU B 36 -4.27 -10.78 -21.87
CA GLU B 36 -4.55 -10.67 -23.28
C GLU B 36 -3.45 -9.92 -24.00
N ILE B 37 -3.15 -8.72 -23.52
CA ILE B 37 -2.04 -7.91 -24.02
C ILE B 37 -0.70 -8.66 -24.00
N CYS B 38 -0.40 -9.33 -22.90
CA CYS B 38 0.90 -9.99 -22.77
C CYS B 38 1.08 -11.21 -23.69
N THR B 39 0.04 -12.03 -23.86
CA THR B 39 0.23 -13.18 -24.73
C THR B 39 0.50 -12.68 -26.16
N GLU B 40 -0.20 -11.61 -26.56
CA GLU B 40 0.06 -10.95 -27.84
C GLU B 40 1.46 -10.37 -27.92
N MET B 41 1.85 -9.52 -26.96
CA MET B 41 3.24 -9.07 -26.92
C MET B 41 4.24 -10.22 -26.99
N GLU B 42 3.87 -11.36 -26.42
CA GLU B 42 4.78 -12.50 -26.42
C GLU B 42 4.86 -13.07 -27.84
N LYS B 43 3.71 -13.13 -28.52
CA LYS B 43 3.69 -13.56 -29.92
C LYS B 43 4.57 -12.69 -30.81
N GLU B 44 4.68 -11.42 -30.48
CA GLU B 44 5.45 -10.49 -31.30
C GLU B 44 6.91 -10.37 -30.87
N GLY B 45 7.36 -11.24 -29.98
CA GLY B 45 8.73 -11.15 -29.50
C GLY B 45 9.09 -10.00 -28.56
N LYS B 46 8.14 -9.12 -28.31
CA LYS B 46 8.41 -7.96 -27.46
C LYS B 46 8.69 -8.39 -25.99
N ILE B 47 8.03 -9.44 -25.51
CA ILE B 47 8.35 -9.98 -24.18
C ILE B 47 8.63 -11.49 -24.19
N SER B 48 9.34 -11.98 -23.17
CA SER B 48 9.60 -13.41 -23.00
C SER B 48 9.25 -13.91 -21.62
N LYS B 49 8.70 -15.13 -21.50
CA LYS B 49 8.53 -15.74 -20.16
C LYS B 49 9.88 -15.98 -19.49
N ILE B 50 9.95 -15.72 -18.19
CA ILE B 50 11.18 -15.94 -17.44
C ILE B 50 10.88 -16.80 -16.24
N GLY B 51 11.92 -17.21 -15.54
CA GLY B 51 11.70 -18.03 -14.38
C GLY B 51 11.92 -17.23 -13.12
N PRO B 52 11.99 -17.92 -11.98
CA PRO B 52 12.21 -17.26 -10.70
C PRO B 52 13.70 -17.12 -10.36
N GLU B 53 14.60 -17.59 -11.23
CA GLU B 53 16.02 -17.40 -10.97
C GLU B 53 16.43 -15.96 -11.25
N ASN B 54 15.66 -15.26 -12.08
CA ASN B 54 15.71 -13.79 -12.23
C ASN B 54 15.13 -13.17 -10.97
N PRO B 55 15.99 -12.54 -10.14
CA PRO B 55 15.58 -12.04 -8.81
C PRO B 55 14.86 -10.70 -8.83
N TYR B 56 14.64 -10.12 -9.99
CA TYR B 56 14.08 -8.76 -10.07
C TYR B 56 12.56 -8.73 -10.32
N ASN B 57 11.91 -7.67 -9.84
CA ASN B 57 10.49 -7.46 -10.16
C ASN B 57 10.06 -6.00 -10.14
N THR B 58 9.08 -5.72 -10.98
CA THR B 58 8.51 -4.39 -11.15
C THR B 58 7.02 -4.64 -11.24
N PRO B 59 6.22 -3.83 -10.54
CA PRO B 59 4.75 -4.00 -10.53
C PRO B 59 4.19 -3.68 -11.88
N VAL B 60 3.03 -4.22 -12.21
CA VAL B 60 2.36 -3.92 -13.46
C VAL B 60 0.84 -3.85 -13.26
N PHE B 61 0.17 -3.00 -14.02
CA PHE B 61 -1.29 -2.99 -14.00
C PHE B 61 -1.83 -2.54 -15.34
N ALA B 62 -3.05 -2.00 -15.36
CA ALA B 62 -3.66 -1.66 -16.64
C ALA B 62 -4.73 -0.58 -16.48
N ILE B 63 -4.74 0.37 -17.40
CA ILE B 63 -5.75 1.41 -17.41
C ILE B 63 -6.60 1.31 -18.67
N LYS B 64 -7.90 1.48 -18.47
CA LYS B 64 -8.89 1.56 -19.54
C LYS B 64 -9.10 3.04 -19.83
N LYS B 65 -8.43 3.52 -20.87
CA LYS B 65 -8.43 4.94 -21.16
C LYS B 65 -9.82 5.41 -21.57
N LYS B 66 -10.24 6.51 -20.93
CA LYS B 66 -11.44 7.27 -21.25
C LYS B 66 -12.73 6.45 -21.36
N ASP B 67 -13.31 6.47 -22.55
CA ASP B 67 -14.62 5.89 -22.81
C ASP B 67 -14.47 4.55 -23.53
N SER B 68 -13.25 4.26 -23.97
CA SER B 68 -12.98 3.14 -24.87
C SER B 68 -13.15 1.76 -24.25
N THR B 69 -12.89 0.74 -25.07
CA THR B 69 -12.74 -0.63 -24.61
C THR B 69 -11.31 -1.06 -24.91
N LYS B 70 -10.39 -0.12 -24.77
CA LYS B 70 -8.97 -0.43 -24.90
C LYS B 70 -8.26 -0.23 -23.58
N TRP B 71 -7.65 -1.32 -23.11
CA TRP B 71 -6.72 -1.28 -21.99
C TRP B 71 -5.34 -0.96 -22.47
N ARG B 72 -4.60 -0.22 -21.66
CA ARG B 72 -3.19 0.00 -21.94
C ARG B 72 -2.41 -0.53 -20.75
N LYS B 73 -1.41 -1.36 -21.02
CA LYS B 73 -0.53 -1.82 -19.96
C LYS B 73 0.33 -0.68 -19.45
N LEU B 74 0.50 -0.65 -18.14
CA LEU B 74 1.36 0.29 -17.46
C LEU B 74 2.31 -0.44 -16.50
N VAL B 75 3.61 -0.28 -16.67
CA VAL B 75 4.57 -0.85 -15.77
C VAL B 75 5.08 0.25 -14.81
N ASP B 76 4.95 0.02 -13.52
CA ASP B 76 5.50 0.95 -12.55
C ASP B 76 7.01 0.82 -12.52
N PHE B 77 7.67 1.56 -13.40
CA PHE B 77 9.12 1.51 -13.52
C PHE B 77 9.85 2.56 -12.66
N ARG B 78 9.19 3.15 -11.67
CA ARG B 78 9.81 4.23 -10.90
C ARG B 78 11.10 3.80 -10.25
N GLU B 79 11.10 2.63 -9.65
CA GLU B 79 12.28 2.12 -8.98
C GLU B 79 13.42 1.92 -9.99
N LEU B 80 13.11 1.29 -11.11
CA LEU B 80 14.14 1.02 -12.10
C LEU B 80 14.71 2.30 -12.65
N ASN B 81 13.83 3.25 -12.97
CA ASN B 81 14.24 4.55 -13.47
C ASN B 81 15.18 5.27 -12.51
N LYS B 82 14.85 5.23 -11.21
CA LYS B 82 15.73 5.80 -10.18
C LYS B 82 17.09 5.12 -10.20
N ARG B 83 17.16 3.90 -10.70
CA ARG B 83 18.41 3.13 -10.65
C ARG B 83 19.11 2.97 -12.00
N THR B 84 18.49 3.43 -13.08
CA THR B 84 19.15 3.42 -14.39
C THR B 84 20.15 4.56 -14.46
N GLN B 85 21.23 4.34 -15.20
CA GLN B 85 22.22 5.38 -15.44
C GLN B 85 21.55 6.59 -16.08
N ASP B 86 22.04 7.77 -15.76
CA ASP B 86 21.44 8.99 -16.28
C ASP B 86 22.17 9.44 -17.54
N PRO B 95 18.04 20.72 -24.26
CA PRO B 95 17.32 21.76 -23.53
C PRO B 95 15.77 21.65 -23.63
N HIS B 96 15.08 22.34 -22.73
CA HIS B 96 13.62 22.23 -22.58
C HIS B 96 12.92 23.49 -23.12
N PRO B 97 11.96 23.28 -24.05
CA PRO B 97 11.22 24.35 -24.74
C PRO B 97 10.35 25.23 -23.85
N ALA B 98 10.90 26.40 -23.47
CA ALA B 98 10.20 27.38 -22.64
C ALA B 98 8.94 27.90 -23.32
N GLY B 99 8.87 27.71 -24.64
CA GLY B 99 7.74 28.21 -25.39
C GLY B 99 6.52 27.32 -25.28
N LEU B 100 6.75 26.05 -24.93
CA LEU B 100 5.66 25.07 -24.86
C LEU B 100 4.55 25.46 -23.87
N LYS B 101 4.93 26.13 -22.78
CA LYS B 101 3.97 26.57 -21.74
C LYS B 101 3.15 27.78 -22.18
N LYS B 102 3.47 28.32 -23.36
CA LYS B 102 2.89 29.57 -23.85
C LYS B 102 2.00 29.41 -25.07
N LYS B 103 1.78 28.17 -25.51
CA LYS B 103 0.93 27.90 -26.65
C LYS B 103 -0.53 27.82 -26.19
N LYS B 104 -1.47 28.16 -27.06
CA LYS B 104 -2.88 28.22 -26.63
C LYS B 104 -3.50 26.83 -26.58
N SER B 105 -2.96 25.93 -27.38
CA SER B 105 -3.35 24.54 -27.32
C SER B 105 -2.10 23.69 -27.28
N VAL B 106 -2.13 22.63 -26.48
CA VAL B 106 -1.13 21.58 -26.55
C VAL B 106 -1.85 20.24 -26.50
N THR B 107 -1.51 19.34 -27.41
CA THR B 107 -2.09 18.00 -27.38
C THR B 107 -1.04 17.04 -26.90
N VAL B 108 -1.48 15.98 -26.22
CA VAL B 108 -0.58 14.95 -25.73
C VAL B 108 -0.85 13.65 -26.46
N LEU B 109 0.12 13.25 -27.30
CA LEU B 109 0.06 11.99 -28.06
C LEU B 109 0.83 10.89 -27.36
N ASP B 110 0.29 9.68 -27.37
CA ASP B 110 0.97 8.55 -26.75
C ASP B 110 1.82 7.84 -27.78
N VAL B 111 3.12 8.10 -27.79
CA VAL B 111 3.96 7.50 -28.81
C VAL B 111 4.71 6.29 -28.27
N GLY B 112 4.10 5.61 -27.30
CA GLY B 112 4.69 4.42 -26.70
C GLY B 112 5.07 3.28 -27.66
N ASP B 113 4.15 2.88 -28.52
CA ASP B 113 4.38 1.78 -29.47
C ASP B 113 5.73 1.88 -30.20
N ALA B 114 6.14 3.10 -30.51
CA ALA B 114 7.44 3.35 -31.16
C ALA B 114 8.57 2.55 -30.54
N TYR B 115 8.61 2.48 -29.22
CA TYR B 115 9.76 1.87 -28.53
C TYR B 115 9.92 0.36 -28.80
N PHE B 116 8.82 -0.31 -29.12
CA PHE B 116 8.85 -1.75 -29.34
C PHE B 116 9.66 -2.09 -30.60
N SER B 117 9.96 -1.07 -31.38
CA SER B 117 10.68 -1.26 -32.63
C SER B 117 12.17 -1.43 -32.39
N VAL B 118 12.62 -1.10 -31.19
CA VAL B 118 14.04 -1.16 -30.88
C VAL B 118 14.36 -2.31 -29.94
N PRO B 119 15.38 -3.09 -30.25
CA PRO B 119 15.73 -4.14 -29.28
C PRO B 119 16.35 -3.53 -28.04
N LEU B 120 16.31 -4.27 -26.94
CA LEU B 120 16.84 -3.81 -25.66
C LEU B 120 18.08 -4.60 -25.31
N ASP B 121 19.14 -3.91 -24.91
CA ASP B 121 20.39 -4.56 -24.51
C ASP B 121 20.12 -5.81 -23.69
N GLU B 122 20.65 -6.92 -24.18
CA GLU B 122 20.44 -8.23 -23.57
C GLU B 122 20.79 -8.28 -22.09
N ASP B 123 21.87 -7.63 -21.67
CA ASP B 123 22.26 -7.73 -20.27
C ASP B 123 21.44 -6.83 -19.36
N PHE B 124 20.52 -6.07 -19.94
CA PHE B 124 19.69 -5.18 -19.16
C PHE B 124 18.31 -5.78 -18.95
N ARG B 125 17.95 -6.74 -19.80
CA ARG B 125 16.59 -7.25 -19.85
C ARG B 125 16.08 -7.78 -18.53
N LYS B 126 16.95 -8.44 -17.79
CA LYS B 126 16.54 -9.06 -16.54
C LYS B 126 15.95 -8.04 -15.56
N TYR B 127 16.38 -6.78 -15.63
CA TYR B 127 15.89 -5.74 -14.75
C TYR B 127 14.47 -5.28 -15.10
N THR B 128 13.94 -5.75 -16.23
CA THR B 128 12.60 -5.36 -16.61
C THR B 128 11.58 -6.46 -16.33
N ALA B 129 11.96 -7.47 -15.56
CA ALA B 129 11.02 -8.48 -15.08
C ALA B 129 9.75 -7.92 -14.40
N PHE B 130 8.62 -8.55 -14.68
CA PHE B 130 7.35 -8.28 -14.00
C PHE B 130 6.51 -9.55 -13.93
N THR B 131 5.48 -9.52 -13.09
CA THR B 131 4.69 -10.72 -12.76
C THR B 131 3.17 -10.49 -12.82
N ILE B 132 2.48 -11.35 -13.55
CA ILE B 132 1.03 -11.25 -13.62
C ILE B 132 0.39 -12.17 -12.60
N PRO B 133 -0.47 -11.62 -11.74
CA PRO B 133 -1.17 -12.35 -10.67
C PRO B 133 -2.35 -13.09 -11.21
N SER B 134 -2.89 -14.05 -10.47
CA SER B 134 -4.12 -14.69 -10.86
C SER B 134 -5.22 -14.41 -9.83
N ILE B 135 -6.45 -14.41 -10.28
CA ILE B 135 -7.56 -14.28 -9.35
C ILE B 135 -7.56 -15.44 -8.36
N ASN B 136 -7.58 -15.12 -7.07
CA ASN B 136 -7.71 -16.11 -6.00
C ASN B 136 -6.53 -17.07 -6.02
N ASN B 137 -5.44 -16.61 -6.62
CA ASN B 137 -4.21 -17.38 -6.62
C ASN B 137 -4.44 -18.78 -7.20
N GLU B 138 -5.17 -18.83 -8.30
CA GLU B 138 -5.43 -20.10 -8.93
C GLU B 138 -4.11 -20.67 -9.41
N THR B 139 -3.20 -19.80 -9.81
CA THR B 139 -1.88 -20.23 -10.23
C THR B 139 -0.83 -19.36 -9.57
N PRO B 140 0.42 -19.83 -9.53
CA PRO B 140 1.51 -18.92 -9.21
C PRO B 140 1.52 -17.77 -10.21
N GLY B 141 2.12 -16.64 -9.88
CA GLY B 141 2.32 -15.57 -10.85
C GLY B 141 3.10 -15.98 -12.08
N ILE B 142 2.78 -15.37 -13.21
CA ILE B 142 3.47 -15.60 -14.47
C ILE B 142 4.46 -14.46 -14.78
N ARG B 143 5.75 -14.78 -14.87
CA ARG B 143 6.77 -13.74 -15.00
C ARG B 143 7.23 -13.54 -16.42
N TYR B 144 7.53 -12.29 -16.75
CA TYR B 144 7.95 -11.91 -18.08
C TYR B 144 9.16 -11.01 -18.03
N GLN B 145 9.68 -10.71 -19.21
CA GLN B 145 10.87 -9.90 -19.37
C GLN B 145 10.76 -9.17 -20.70
N TYR B 146 11.37 -8.00 -20.81
CA TYR B 146 11.28 -7.22 -22.03
C TYR B 146 12.43 -7.52 -23.00
N ASN B 147 12.14 -7.54 -24.29
CA ASN B 147 13.18 -7.71 -25.32
C ASN B 147 13.33 -6.47 -26.20
N VAL B 148 12.35 -5.57 -26.10
CA VAL B 148 12.40 -4.30 -26.80
C VAL B 148 12.48 -3.19 -25.75
N LEU B 149 12.39 -1.94 -26.18
CA LEU B 149 12.41 -0.84 -25.21
C LEU B 149 11.06 -0.79 -24.57
N PRO B 150 11.01 -0.99 -23.25
CA PRO B 150 9.72 -0.98 -22.57
C PRO B 150 9.20 0.44 -22.39
N GLN B 151 7.91 0.66 -22.59
CA GLN B 151 7.28 1.93 -22.23
C GLN B 151 7.41 2.18 -20.73
N GLY B 152 7.47 3.43 -20.32
CA GLY B 152 7.58 3.73 -18.91
C GLY B 152 9.00 3.82 -18.42
N TRP B 153 9.94 3.28 -19.18
CA TRP B 153 11.36 3.35 -18.79
C TRP B 153 12.03 4.61 -19.30
N LYS B 154 12.85 5.25 -18.47
CA LYS B 154 13.44 6.53 -18.87
C LYS B 154 14.52 6.28 -19.94
N GLY B 155 14.98 5.04 -20.06
CA GLY B 155 15.96 4.71 -21.07
C GLY B 155 15.37 4.70 -22.47
N SER B 156 14.07 4.40 -22.55
CA SER B 156 13.38 4.28 -23.83
C SER B 156 13.39 5.55 -24.66
N PRO B 157 12.98 6.69 -24.06
CA PRO B 157 12.96 7.90 -24.88
C PRO B 157 14.38 8.31 -25.24
N ALA B 158 15.32 8.13 -24.32
CA ALA B 158 16.71 8.45 -24.56
C ALA B 158 17.23 7.72 -25.79
N ILE B 159 17.18 6.39 -25.74
CA ILE B 159 17.80 5.59 -26.76
C ILE B 159 17.13 5.82 -28.12
N PHE B 160 15.83 6.09 -28.10
CA PHE B 160 15.07 6.27 -29.33
C PHE B 160 15.14 7.70 -29.83
N GLN B 161 15.83 8.57 -29.08
CA GLN B 161 15.97 9.99 -29.38
C GLN B 161 16.39 10.23 -30.83
N SER B 162 17.56 9.69 -31.19
CA SER B 162 18.10 9.85 -32.54
C SER B 162 17.06 9.56 -33.64
N SER B 163 16.47 8.36 -33.56
CA SER B 163 15.39 7.96 -34.45
C SER B 163 14.14 8.86 -34.37
N MET B 164 13.87 9.40 -33.18
CA MET B 164 12.68 10.22 -32.98
C MET B 164 12.83 11.56 -33.70
N THR B 165 14.06 12.06 -33.74
CA THR B 165 14.34 13.35 -34.39
C THR B 165 14.18 13.26 -35.90
N LYS B 166 14.57 12.12 -36.46
CA LYS B 166 14.46 11.88 -37.89
C LYS B 166 12.99 11.84 -38.29
N ILE B 167 12.17 11.26 -37.44
CA ILE B 167 10.74 11.21 -37.71
C ILE B 167 10.14 12.61 -37.79
N LEU B 168 10.34 13.42 -36.76
CA LEU B 168 9.68 14.71 -36.69
C LEU B 168 10.31 15.73 -37.63
N GLU B 169 11.61 15.62 -37.84
CA GLU B 169 12.38 16.61 -38.60
C GLU B 169 11.62 17.23 -39.77
N PRO B 170 11.10 16.40 -40.70
CA PRO B 170 10.30 16.92 -41.82
C PRO B 170 9.10 17.74 -41.34
N PHE B 171 8.33 17.18 -40.42
CA PHE B 171 7.11 17.83 -39.94
C PHE B 171 7.41 19.16 -39.24
N ARG B 172 8.56 19.23 -38.58
CA ARG B 172 8.98 20.45 -37.90
C ARG B 172 9.35 21.55 -38.88
N LYS B 173 10.22 21.22 -39.83
CA LYS B 173 10.60 22.14 -40.89
C LYS B 173 9.38 22.81 -41.49
N GLN B 174 8.40 21.99 -41.87
CA GLN B 174 7.19 22.45 -42.51
C GLN B 174 6.25 23.20 -41.54
N ASN B 175 6.44 23.01 -40.24
CA ASN B 175 5.60 23.68 -39.25
C ASN B 175 6.42 24.27 -38.11
N PRO B 176 7.25 25.29 -38.41
CA PRO B 176 8.20 25.87 -37.46
C PRO B 176 7.56 26.64 -36.30
N ASP B 177 6.25 26.89 -36.38
CA ASP B 177 5.54 27.54 -35.30
C ASP B 177 4.85 26.54 -34.37
N ILE B 178 5.03 25.26 -34.69
CA ILE B 178 4.55 24.16 -33.85
C ILE B 178 5.71 23.60 -33.02
N VAL B 179 5.56 23.62 -31.69
CA VAL B 179 6.58 23.06 -30.80
C VAL B 179 6.24 21.62 -30.40
N ILE B 180 7.18 20.73 -30.68
CA ILE B 180 6.96 19.33 -30.38
C ILE B 180 7.92 18.93 -29.28
N TYR B 181 7.36 18.46 -28.17
CA TYR B 181 8.17 18.04 -27.02
C TYR B 181 7.89 16.59 -26.58
N GLN B 182 8.95 15.90 -26.17
CA GLN B 182 8.78 14.53 -25.76
C GLN B 182 9.16 14.32 -24.29
N TYR B 183 8.36 13.54 -23.59
CA TYR B 183 8.69 13.12 -22.24
C TYR B 183 8.23 11.68 -22.05
N MET B 184 9.16 10.77 -21.88
CA MET B 184 8.82 9.35 -21.72
C MET B 184 7.93 8.89 -22.88
N ASP B 185 6.86 8.15 -22.58
CA ASP B 185 5.95 7.68 -23.62
C ASP B 185 5.14 8.83 -24.26
N ASP B 186 5.53 10.08 -24.06
CA ASP B 186 4.61 11.15 -24.41
C ASP B 186 5.14 12.21 -25.39
N LEU B 187 4.25 12.69 -26.26
CA LEU B 187 4.59 13.74 -27.21
C LEU B 187 3.66 14.91 -27.00
N TYR B 188 4.23 16.03 -26.58
CA TYR B 188 3.47 17.26 -26.43
C TYR B 188 3.63 18.12 -27.67
N VAL B 189 2.49 18.53 -28.23
CA VAL B 189 2.48 19.31 -29.47
C VAL B 189 1.71 20.60 -29.24
N GLY B 190 2.43 21.73 -29.25
CA GLY B 190 1.82 23.02 -29.01
C GLY B 190 1.66 23.88 -30.26
N SER B 191 0.52 24.57 -30.34
CA SER B 191 0.24 25.52 -31.41
C SER B 191 -0.56 26.75 -30.94
N ASP B 192 -0.53 27.81 -31.75
CA ASP B 192 -1.40 28.97 -31.56
C ASP B 192 -2.53 28.96 -32.59
N LEU B 193 -2.74 27.80 -33.22
CA LEU B 193 -3.83 27.64 -34.17
C LEU B 193 -5.19 27.73 -33.52
N GLU B 194 -6.17 28.16 -34.30
CA GLU B 194 -7.56 28.03 -33.88
C GLU B 194 -7.76 26.55 -33.60
N ILE B 195 -8.62 26.21 -32.66
CA ILE B 195 -8.76 24.83 -32.23
C ILE B 195 -9.12 23.87 -33.38
N GLY B 196 -9.38 24.40 -34.57
CA GLY B 196 -9.75 23.55 -35.69
C GLY B 196 -8.55 23.14 -36.55
N GLN B 197 -7.75 24.13 -36.92
CA GLN B 197 -6.52 23.90 -37.68
C GLN B 197 -5.50 23.13 -36.82
N HIS B 198 -5.56 23.34 -35.51
CA HIS B 198 -4.76 22.60 -34.54
C HIS B 198 -5.04 21.10 -34.58
N ARG B 199 -6.30 20.73 -34.37
CA ARG B 199 -6.71 19.33 -34.39
C ARG B 199 -6.47 18.69 -35.76
N THR B 200 -6.50 19.52 -36.81
CA THR B 200 -6.21 19.03 -38.14
C THR B 200 -4.69 18.86 -38.27
N LYS B 201 -3.94 19.75 -37.62
CA LYS B 201 -2.49 19.64 -37.59
C LYS B 201 -2.05 18.38 -36.86
N ILE B 202 -2.66 18.11 -35.72
CA ILE B 202 -2.30 16.94 -34.93
C ILE B 202 -2.57 15.66 -35.70
N GLU B 203 -3.74 15.60 -36.33
CA GLU B 203 -4.12 14.43 -37.12
C GLU B 203 -3.19 14.31 -38.33
N GLU B 204 -2.64 15.44 -38.77
CA GLU B 204 -1.61 15.41 -39.80
C GLU B 204 -0.37 14.70 -39.24
N LEU B 205 0.08 15.16 -38.08
CA LEU B 205 1.26 14.60 -37.43
C LEU B 205 1.09 13.12 -37.07
N ARG B 206 -0.15 12.71 -36.84
CA ARG B 206 -0.40 11.30 -36.53
C ARG B 206 -0.33 10.45 -37.78
N GLN B 207 -0.77 11.02 -38.92
CA GLN B 207 -0.62 10.37 -40.22
C GLN B 207 0.86 10.24 -40.53
N HIS B 208 1.58 11.29 -40.15
CA HIS B 208 3.02 11.35 -40.35
C HIS B 208 3.78 10.30 -39.53
N LEU B 209 3.18 9.85 -38.43
CA LEU B 209 3.81 8.83 -37.58
C LEU B 209 3.38 7.42 -37.99
N LEU B 210 2.13 7.27 -38.42
CA LEU B 210 1.66 5.98 -38.94
C LEU B 210 2.55 5.49 -40.08
N ARG B 211 3.26 6.42 -40.71
CA ARG B 211 4.11 6.12 -41.85
C ARG B 211 5.42 5.45 -41.46
N TRP B 212 5.93 5.71 -40.25
CA TRP B 212 7.26 5.22 -39.88
C TRP B 212 7.25 4.27 -38.70
N GLY B 213 6.17 3.51 -38.54
CA GLY B 213 6.09 2.47 -37.53
C GLY B 213 5.93 2.95 -36.10
N GLY B 231 -5.08 11.97 -24.52
CA GLY B 231 -4.93 12.83 -23.35
C GLY B 231 -5.25 14.30 -23.61
N TYR B 232 -5.93 14.55 -24.73
CA TYR B 232 -6.31 15.90 -25.22
C TYR B 232 -7.41 16.59 -24.39
N GLU B 233 -7.36 17.92 -24.20
CA GLU B 233 -6.40 18.85 -24.79
C GLU B 233 -5.99 19.98 -23.83
N LEU B 234 -4.69 20.27 -23.77
CA LEU B 234 -4.16 21.30 -22.87
C LEU B 234 -4.20 22.72 -23.39
N HIS B 235 -4.12 23.67 -22.46
CA HIS B 235 -4.11 25.10 -22.76
C HIS B 235 -3.29 25.86 -21.73
N PRO B 236 -1.96 25.73 -21.78
CA PRO B 236 -1.03 26.35 -20.81
C PRO B 236 -1.16 27.87 -20.72
N ASP B 237 -1.93 28.46 -21.62
CA ASP B 237 -2.12 29.92 -21.63
C ASP B 237 -3.23 30.37 -20.69
N LYS B 238 -3.75 29.44 -19.91
CA LYS B 238 -4.79 29.78 -18.98
C LYS B 238 -4.55 29.05 -17.66
N TRP B 239 -3.30 28.61 -17.49
CA TRP B 239 -2.87 28.07 -16.20
C TRP B 239 -2.74 29.23 -15.22
N THR B 240 -3.08 28.98 -13.96
CA THR B 240 -3.34 30.02 -12.97
C THR B 240 -2.42 29.93 -11.75
N VAL B 241 -1.86 31.07 -11.35
CA VAL B 241 -1.17 31.17 -10.07
C VAL B 241 -2.14 31.55 -8.95
N GLN B 242 -2.03 30.89 -7.80
CA GLN B 242 -2.95 31.11 -6.69
C GLN B 242 -2.30 31.91 -5.55
N PRO B 243 -2.50 33.23 -5.52
CA PRO B 243 -1.85 34.06 -4.49
C PRO B 243 -2.39 33.81 -3.10
N ILE B 244 -1.54 33.97 -2.10
CA ILE B 244 -1.99 34.06 -0.72
C ILE B 244 -2.81 35.34 -0.55
N VAL B 245 -3.88 35.25 0.23
CA VAL B 245 -4.80 36.37 0.31
C VAL B 245 -5.25 36.59 1.75
N LEU B 246 -5.68 37.82 2.05
CA LEU B 246 -6.05 38.14 3.43
C LEU B 246 -7.52 38.50 3.51
N PRO B 247 -8.17 38.13 4.63
CA PRO B 247 -9.61 38.34 4.72
C PRO B 247 -9.91 39.81 4.60
N GLU B 248 -11.12 40.16 4.17
CA GLU B 248 -11.59 41.52 4.27
C GLU B 248 -12.80 41.55 5.16
N LYS B 249 -12.81 42.49 6.10
CA LYS B 249 -13.85 42.51 7.10
C LYS B 249 -14.19 43.93 7.49
N ASP B 250 -15.38 44.10 8.04
CA ASP B 250 -15.77 45.35 8.66
C ASP B 250 -15.54 45.29 10.15
N SER B 251 -15.99 44.20 10.78
CA SER B 251 -15.71 43.94 12.19
C SER B 251 -14.61 42.90 12.31
N TRP B 252 -13.59 43.20 13.10
CA TRP B 252 -12.59 42.20 13.42
C TRP B 252 -12.70 41.81 14.88
N THR B 253 -12.73 40.51 15.18
CA THR B 253 -12.68 40.05 16.56
C THR B 253 -11.27 39.63 16.98
N VAL B 254 -11.08 39.40 18.26
CA VAL B 254 -9.77 38.98 18.74
C VAL B 254 -9.34 37.70 18.02
N ASN B 255 -10.29 36.80 17.85
CA ASN B 255 -9.99 35.57 17.17
C ASN B 255 -9.59 35.79 15.70
N ASP B 256 -10.37 36.61 15.00
CA ASP B 256 -10.03 37.01 13.63
C ASP B 256 -8.59 37.53 13.54
N ILE B 257 -8.26 38.54 14.33
CA ILE B 257 -6.93 39.11 14.32
C ILE B 257 -5.85 38.09 14.69
N GLN B 258 -6.11 37.26 15.70
CA GLN B 258 -5.20 36.16 16.04
C GLN B 258 -4.93 35.22 14.86
N LYS B 259 -5.99 34.86 14.14
CA LYS B 259 -5.85 34.00 13.00
C LYS B 259 -5.05 34.71 11.90
N LEU B 260 -5.35 35.99 11.72
CA LEU B 260 -4.59 36.82 10.79
C LEU B 260 -3.11 36.91 11.16
N VAL B 261 -2.81 37.28 12.40
CA VAL B 261 -1.41 37.42 12.78
C VAL B 261 -0.62 36.13 12.60
N GLY B 262 -1.23 34.97 12.86
CA GLY B 262 -0.51 33.72 12.69
C GLY B 262 -0.26 33.39 11.23
N LYS B 263 -1.25 33.68 10.39
CA LYS B 263 -1.11 33.50 8.95
C LYS B 263 -0.02 34.42 8.35
N LEU B 264 0.01 35.68 8.76
CA LEU B 264 1.04 36.61 8.29
C LEU B 264 2.42 36.25 8.85
N ASN B 265 2.46 35.69 10.04
CA ASN B 265 3.72 35.25 10.62
C ASN B 265 4.37 34.24 9.70
N TRP B 266 3.55 33.34 9.21
CA TRP B 266 4.03 32.25 8.37
C TRP B 266 4.41 32.79 7.01
N ALA B 267 3.58 33.67 6.46
CA ALA B 267 3.82 34.15 5.12
C ALA B 267 5.12 34.97 5.09
N SER B 268 5.50 35.52 6.22
CA SER B 268 6.69 36.37 6.26
C SER B 268 7.97 35.54 6.11
N GLN B 269 7.81 34.22 6.06
CA GLN B 269 8.89 33.33 5.71
C GLN B 269 9.04 33.21 4.20
N ILE B 270 7.93 33.43 3.50
CA ILE B 270 7.93 33.47 2.05
C ILE B 270 8.18 34.88 1.53
N TYR B 271 7.66 35.88 2.25
CA TYR B 271 7.84 37.28 1.88
C TYR B 271 8.33 38.08 3.07
N PRO B 272 9.64 38.31 3.13
CA PRO B 272 10.28 39.00 4.25
C PRO B 272 9.63 40.35 4.52
N GLY B 273 8.94 40.90 3.52
CA GLY B 273 8.28 42.20 3.66
C GLY B 273 7.09 42.27 4.60
N ILE B 274 6.55 41.12 4.99
CA ILE B 274 5.37 41.08 5.85
C ILE B 274 5.69 41.58 7.25
N LYS B 275 4.83 42.43 7.79
CA LYS B 275 5.03 43.02 9.11
C LYS B 275 3.82 42.71 10.01
N VAL B 276 4.03 42.63 11.32
CA VAL B 276 2.96 42.14 12.20
C VAL B 276 2.77 43.01 13.46
N ARG B 277 3.73 43.91 13.70
CA ARG B 277 3.78 44.70 14.93
C ARG B 277 2.51 45.43 15.27
N GLN B 278 1.94 46.19 14.34
CA GLN B 278 0.76 46.97 14.69
C GLN B 278 -0.48 46.10 14.95
N LEU B 279 -0.70 45.10 14.09
CA LEU B 279 -1.83 44.19 14.23
C LEU B 279 -1.75 43.45 15.55
N SER B 280 -0.54 43.09 15.92
CA SER B 280 -0.32 42.35 17.14
C SER B 280 -0.55 43.24 18.37
N LYS B 281 -0.34 44.55 18.21
CA LYS B 281 -0.58 45.52 19.29
C LYS B 281 -2.01 45.48 19.81
N LEU B 282 -2.96 45.30 18.90
CA LEU B 282 -4.38 45.22 19.22
C LEU B 282 -4.71 44.02 20.13
N LEU B 283 -3.81 43.03 20.16
CA LEU B 283 -4.01 41.86 20.99
C LEU B 283 -3.27 41.98 22.31
N ARG B 284 -3.05 43.20 22.77
CA ARG B 284 -2.38 43.36 24.04
C ARG B 284 -3.37 43.09 25.15
N GLY B 285 -2.90 42.47 26.23
CA GLY B 285 -3.79 42.08 27.29
C GLY B 285 -4.16 40.62 27.11
N THR B 286 -5.32 40.25 27.62
CA THR B 286 -5.74 38.88 27.63
C THR B 286 -7.28 38.85 27.49
N LYS B 287 -7.75 38.77 26.26
CA LYS B 287 -9.14 39.10 25.92
C LYS B 287 -10.02 37.91 25.45
N ALA B 288 -11.34 38.12 25.50
CA ALA B 288 -12.28 37.13 24.97
C ALA B 288 -12.06 36.95 23.48
N LEU B 289 -12.14 35.72 23.00
CA LEU B 289 -11.97 35.49 21.57
C LEU B 289 -13.00 36.26 20.75
N THR B 290 -14.19 36.50 21.29
CA THR B 290 -15.24 37.09 20.46
C THR B 290 -15.39 38.58 20.72
N GLU B 291 -14.46 39.13 21.46
CA GLU B 291 -14.48 40.58 21.61
C GLU B 291 -14.14 41.26 20.27
N VAL B 292 -14.95 42.25 19.91
CA VAL B 292 -14.68 43.06 18.74
C VAL B 292 -13.58 44.08 19.03
N ILE B 293 -12.63 44.16 18.11
CA ILE B 293 -11.49 45.07 18.25
C ILE B 293 -11.40 45.97 17.05
N PRO B 294 -11.58 47.28 17.28
CA PRO B 294 -11.51 48.28 16.22
C PRO B 294 -10.07 48.44 15.75
N LEU B 295 -9.84 48.43 14.45
CA LEU B 295 -8.48 48.56 13.92
C LEU B 295 -7.97 50.00 14.04
N THR B 296 -6.81 50.17 14.69
CA THR B 296 -6.13 51.46 14.73
C THR B 296 -5.75 51.91 13.32
N GLU B 297 -5.20 53.10 13.20
CA GLU B 297 -4.81 53.61 11.89
C GLU B 297 -3.56 52.89 11.41
N GLU B 298 -2.57 52.75 12.30
CA GLU B 298 -1.35 52.05 11.95
C GLU B 298 -1.63 50.64 11.42
N ALA B 299 -2.31 49.85 12.24
CA ALA B 299 -2.64 48.47 11.91
C ALA B 299 -3.50 48.40 10.67
N GLU B 300 -4.31 49.44 10.46
CA GLU B 300 -5.13 49.46 9.26
C GLU B 300 -4.23 49.56 8.04
N LEU B 301 -3.18 50.36 8.14
CA LEU B 301 -2.30 50.58 7.00
C LEU B 301 -1.36 49.40 6.81
N GLU B 302 -0.82 48.89 7.92
CA GLU B 302 0.15 47.81 7.84
C GLU B 302 -0.51 46.54 7.31
N LEU B 303 -1.84 46.47 7.42
CA LEU B 303 -2.61 45.39 6.80
C LEU B 303 -2.85 45.63 5.31
N ALA B 304 -2.88 46.90 4.91
CA ALA B 304 -3.06 47.21 3.50
C ALA B 304 -1.75 46.95 2.76
N GLU B 305 -0.64 47.30 3.41
CA GLU B 305 0.66 47.10 2.82
C GLU B 305 0.87 45.61 2.59
N ASN B 306 0.73 44.85 3.67
CA ASN B 306 0.78 43.41 3.60
C ASN B 306 -0.05 42.81 2.48
N ARG B 307 -1.21 43.41 2.20
CA ARG B 307 -2.07 42.89 1.14
C ARG B 307 -1.36 42.95 -0.20
N GLU B 308 -0.50 43.96 -0.35
CA GLU B 308 0.21 44.16 -1.62
C GLU B 308 1.53 43.41 -1.65
N ILE B 309 2.30 43.47 -0.56
CA ILE B 309 3.49 42.64 -0.44
C ILE B 309 3.20 41.19 -0.81
N LEU B 310 1.98 40.74 -0.55
CA LEU B 310 1.60 39.37 -0.89
C LEU B 310 1.46 39.18 -2.40
N LYS B 311 1.18 40.26 -3.12
CA LYS B 311 1.12 40.16 -4.58
C LYS B 311 2.37 40.76 -5.22
N GLU B 312 3.40 39.93 -5.28
CA GLU B 312 4.67 40.26 -5.88
C GLU B 312 5.35 38.96 -6.24
N PRO B 313 6.30 39.01 -7.17
CA PRO B 313 7.10 37.80 -7.34
C PRO B 313 7.87 37.50 -6.05
N VAL B 314 7.83 36.24 -5.63
CA VAL B 314 8.71 35.79 -4.56
C VAL B 314 10.15 35.85 -5.07
N HIS B 315 11.05 36.43 -4.28
CA HIS B 315 12.40 36.71 -4.77
C HIS B 315 13.36 35.53 -4.67
N GLY B 316 14.27 35.44 -5.64
CA GLY B 316 15.38 34.51 -5.56
C GLY B 316 14.95 33.07 -5.69
N VAL B 317 14.08 32.82 -6.65
CA VAL B 317 13.61 31.48 -6.92
C VAL B 317 14.12 31.00 -8.29
N TYR B 318 15.26 30.31 -8.26
CA TYR B 318 15.88 29.79 -9.48
C TYR B 318 15.69 28.29 -9.66
N TYR B 319 15.01 27.89 -10.73
CA TYR B 319 14.80 26.46 -10.95
C TYR B 319 16.15 25.77 -11.13
N ASP B 320 16.38 24.72 -10.36
CA ASP B 320 17.63 23.95 -10.41
C ASP B 320 17.33 22.51 -10.87
N PRO B 321 17.68 22.18 -12.13
CA PRO B 321 17.36 20.89 -12.75
C PRO B 321 17.95 19.71 -12.00
N SER B 322 19.06 19.92 -11.30
CA SER B 322 19.69 18.85 -10.54
C SER B 322 18.91 18.48 -9.25
N LYS B 323 17.91 19.26 -8.88
CA LYS B 323 17.12 18.95 -7.68
C LYS B 323 15.70 18.50 -8.06
N ASP B 324 15.06 17.73 -7.18
CA ASP B 324 13.71 17.28 -7.46
C ASP B 324 12.71 18.37 -7.22
N LEU B 325 11.65 18.38 -8.01
CA LEU B 325 10.50 19.19 -7.71
C LEU B 325 9.68 18.53 -6.61
N ILE B 326 9.43 19.26 -5.53
CA ILE B 326 8.54 18.82 -4.45
C ILE B 326 7.16 19.39 -4.68
N ALA B 327 6.16 18.54 -4.81
CA ALA B 327 4.80 19.08 -4.87
C ALA B 327 4.09 18.79 -3.55
N GLU B 328 3.36 19.76 -3.07
CA GLU B 328 2.67 19.60 -1.82
C GLU B 328 1.19 19.94 -2.04
N ILE B 329 0.29 19.08 -1.56
CA ILE B 329 -1.14 19.29 -1.81
C ILE B 329 -1.94 19.36 -0.51
N GLN B 330 -2.88 20.29 -0.44
CA GLN B 330 -3.75 20.36 0.73
C GLN B 330 -5.21 20.27 0.34
N LYS B 331 -5.96 19.46 1.08
CA LYS B 331 -7.40 19.38 0.88
C LYS B 331 -8.09 20.59 1.52
N GLN B 332 -8.73 21.41 0.69
CA GLN B 332 -9.37 22.62 1.20
C GLN B 332 -10.85 22.38 1.45
N GLY B 333 -11.33 21.22 1.03
CA GLY B 333 -12.73 20.85 1.17
C GLY B 333 -13.59 21.37 0.04
N GLN B 334 -14.74 20.73 -0.13
CA GLN B 334 -15.76 21.19 -1.08
C GLN B 334 -15.25 21.08 -2.51
N GLY B 335 -14.43 20.05 -2.75
CA GLY B 335 -13.79 19.86 -4.04
C GLY B 335 -12.65 20.84 -4.33
N GLN B 336 -12.21 21.59 -3.33
CA GLN B 336 -11.10 22.53 -3.50
C GLN B 336 -9.75 21.98 -3.01
N TRP B 337 -8.75 21.99 -3.88
CA TRP B 337 -7.43 21.51 -3.51
C TRP B 337 -6.38 22.54 -3.89
N THR B 338 -5.48 22.82 -2.96
CA THR B 338 -4.38 23.73 -3.23
C THR B 338 -3.07 22.95 -3.29
N TYR B 339 -2.09 23.54 -3.96
CA TYR B 339 -0.80 22.89 -4.10
C TYR B 339 0.28 23.90 -4.34
N GLN B 340 1.50 23.52 -3.99
CA GLN B 340 2.65 24.36 -4.24
C GLN B 340 3.77 23.49 -4.79
N ILE B 341 4.60 24.07 -5.65
CA ILE B 341 5.75 23.38 -6.21
C ILE B 341 6.99 24.16 -5.84
N TYR B 342 7.92 23.52 -5.16
CA TYR B 342 9.13 24.19 -4.75
C TYR B 342 10.27 23.19 -4.78
N GLN B 343 11.50 23.67 -4.76
CA GLN B 343 12.64 22.79 -4.61
C GLN B 343 13.29 23.01 -3.26
N GLU B 344 13.01 24.17 -2.68
CA GLU B 344 13.43 24.48 -1.33
C GLU B 344 12.33 25.28 -0.65
N PRO B 345 12.07 24.98 0.62
CA PRO B 345 11.04 25.58 1.48
C PRO B 345 10.85 27.09 1.31
N PHE B 346 9.63 27.50 0.98
CA PHE B 346 9.23 28.90 0.88
C PHE B 346 9.73 29.56 -0.39
N LYS B 347 10.42 28.78 -1.21
CA LYS B 347 10.82 29.23 -2.54
C LYS B 347 9.92 28.60 -3.61
N ASN B 348 8.64 28.94 -3.60
CA ASN B 348 7.69 28.31 -4.50
C ASN B 348 7.90 28.73 -5.94
N LEU B 349 8.02 27.74 -6.83
CA LEU B 349 8.14 27.99 -8.26
C LEU B 349 6.75 28.25 -8.82
N LYS B 350 5.77 27.65 -8.19
CA LYS B 350 4.37 27.87 -8.54
C LYS B 350 3.50 27.41 -7.40
N THR B 351 2.40 28.13 -7.22
CA THR B 351 1.39 27.79 -6.25
C THR B 351 0.07 27.87 -6.97
N GLY B 352 -0.78 26.87 -6.83
CA GLY B 352 -1.96 26.82 -7.64
C GLY B 352 -3.15 26.24 -6.91
N LYS B 353 -4.25 26.12 -7.63
CA LYS B 353 -5.47 25.61 -7.07
C LYS B 353 -6.02 24.55 -8.01
N TYR B 354 -6.95 23.74 -7.52
CA TYR B 354 -7.63 22.79 -8.38
C TYR B 354 -9.06 22.64 -7.84
N ALA B 355 -10.02 23.13 -8.60
CA ALA B 355 -11.43 23.08 -8.22
C ALA B 355 -12.07 21.86 -8.83
N ARG B 356 -13.09 21.34 -8.15
CA ARG B 356 -13.87 20.22 -8.68
C ARG B 356 -15.31 20.32 -8.20
N MET B 357 -16.12 19.31 -8.54
CA MET B 357 -17.55 19.34 -8.27
C MET B 357 -17.87 19.32 -6.79
N ARG B 358 -18.64 20.32 -6.35
CA ARG B 358 -19.11 20.36 -4.97
C ARG B 358 -20.40 19.54 -4.85
N GLY B 359 -20.30 18.23 -5.04
CA GLY B 359 -21.49 17.40 -5.09
C GLY B 359 -21.67 16.35 -4.00
N ALA B 360 -22.56 15.41 -4.29
CA ALA B 360 -22.82 14.27 -3.41
C ALA B 360 -21.79 13.15 -3.65
N HIS B 361 -21.69 12.71 -4.89
CA HIS B 361 -20.80 11.58 -5.24
C HIS B 361 -19.33 11.99 -5.27
N THR B 362 -18.94 12.86 -4.36
CA THR B 362 -17.57 13.29 -4.28
C THR B 362 -16.72 12.10 -3.87
N ASN B 363 -15.59 11.94 -4.54
CA ASN B 363 -14.63 10.92 -4.15
C ASN B 363 -13.26 11.58 -3.96
N ASP B 364 -12.86 11.78 -2.71
CA ASP B 364 -11.59 12.42 -2.41
C ASP B 364 -10.39 11.78 -3.12
N VAL B 365 -10.26 10.48 -3.00
CA VAL B 365 -9.12 9.79 -3.61
C VAL B 365 -9.07 10.02 -5.11
N LYS B 366 -10.23 9.93 -5.76
CA LYS B 366 -10.28 10.20 -7.18
C LYS B 366 -9.83 11.63 -7.45
N GLN B 367 -10.39 12.57 -6.69
CA GLN B 367 -10.07 13.96 -6.92
C GLN B 367 -8.59 14.19 -6.72
N LEU B 368 -8.05 13.58 -5.66
CA LEU B 368 -6.64 13.72 -5.34
C LEU B 368 -5.73 13.16 -6.43
N THR B 369 -6.14 12.07 -7.07
CA THR B 369 -5.28 11.49 -8.11
C THR B 369 -5.44 12.29 -9.41
N GLU B 370 -6.62 12.87 -9.63
CA GLU B 370 -6.78 13.84 -10.74
C GLU B 370 -5.93 15.08 -10.51
N ALA B 371 -5.85 15.54 -9.27
CA ALA B 371 -4.97 16.66 -8.92
C ALA B 371 -3.50 16.33 -9.18
N VAL B 372 -3.02 15.16 -8.73
CA VAL B 372 -1.59 14.87 -8.93
C VAL B 372 -1.31 14.76 -10.42
N GLN B 373 -2.30 14.36 -11.20
CA GLN B 373 -2.07 14.24 -12.64
C GLN B 373 -2.04 15.60 -13.31
N LYS B 374 -2.87 16.52 -12.86
CA LYS B 374 -2.84 17.87 -13.43
C LYS B 374 -1.49 18.49 -13.12
N ILE B 375 -1.04 18.35 -11.87
CA ILE B 375 0.19 18.98 -11.42
C ILE B 375 1.43 18.41 -12.11
N THR B 376 1.47 17.10 -12.23
CA THR B 376 2.56 16.44 -12.93
C THR B 376 2.58 16.99 -14.35
N THR B 377 1.40 17.09 -14.93
CA THR B 377 1.29 17.60 -16.29
C THR B 377 1.87 19.01 -16.40
N GLU B 378 1.48 19.90 -15.50
CA GLU B 378 1.98 21.26 -15.57
C GLU B 378 3.48 21.21 -15.45
N SER B 379 3.98 20.36 -14.55
CA SER B 379 5.42 20.29 -14.29
C SER B 379 6.22 19.84 -15.49
N ILE B 380 5.76 18.79 -16.17
CA ILE B 380 6.40 18.30 -17.38
C ILE B 380 6.45 19.45 -18.39
N VAL B 381 5.30 20.10 -18.58
CA VAL B 381 5.16 21.18 -19.55
C VAL B 381 6.01 22.40 -19.22
N ILE B 382 6.14 22.72 -17.94
CA ILE B 382 6.90 23.91 -17.54
C ILE B 382 8.39 23.66 -17.41
N TRP B 383 8.78 22.59 -16.71
CA TRP B 383 10.20 22.30 -16.43
C TRP B 383 10.70 20.99 -17.01
N GLY B 384 9.83 20.23 -17.66
CA GLY B 384 10.25 18.99 -18.29
C GLY B 384 10.60 17.92 -17.27
N LYS B 385 10.10 18.09 -16.06
CA LYS B 385 10.43 17.18 -14.96
C LYS B 385 9.15 16.75 -14.23
N THR B 386 9.29 15.68 -13.46
CA THR B 386 8.19 15.18 -12.68
C THR B 386 8.36 15.58 -11.21
N PRO B 387 7.30 16.05 -10.57
CA PRO B 387 7.54 16.37 -9.16
C PRO B 387 7.52 15.12 -8.30
N LYS B 388 8.03 15.25 -7.08
CA LYS B 388 7.81 14.28 -6.03
C LYS B 388 6.65 14.77 -5.12
N PHE B 389 5.59 13.99 -5.02
CA PHE B 389 4.41 14.43 -4.25
C PHE B 389 4.43 14.07 -2.75
N LYS B 390 4.04 15.03 -1.93
CA LYS B 390 3.71 14.80 -0.51
C LYS B 390 2.20 14.73 -0.36
N LEU B 391 1.66 13.52 -0.36
CA LEU B 391 0.22 13.34 -0.44
C LEU B 391 -0.46 13.32 0.92
N PRO B 392 -1.53 14.12 1.05
CA PRO B 392 -2.36 14.26 2.25
C PRO B 392 -3.43 13.19 2.32
N ILE B 393 -2.96 11.95 2.31
CA ILE B 393 -3.83 10.79 2.34
C ILE B 393 -3.12 9.68 3.11
N GLN B 394 -3.87 8.76 3.68
CA GLN B 394 -3.26 7.59 4.31
C GLN B 394 -2.63 6.75 3.23
N LYS B 395 -1.46 6.20 3.52
CA LYS B 395 -0.78 5.29 2.61
C LYS B 395 -1.70 4.19 2.11
N GLU B 396 -2.36 3.48 3.03
CA GLU B 396 -3.19 2.34 2.68
C GLU B 396 -4.40 2.76 1.82
N THR B 397 -5.06 3.86 2.22
CA THR B 397 -6.17 4.41 1.43
C THR B 397 -5.73 4.66 -0.02
N TRP B 398 -4.62 5.36 -0.18
CA TRP B 398 -4.12 5.66 -1.52
C TRP B 398 -3.86 4.40 -2.33
N GLU B 399 -3.11 3.45 -1.77
CA GLU B 399 -2.73 2.27 -2.55
C GLU B 399 -3.90 1.39 -2.91
N THR B 400 -4.92 1.35 -2.05
CA THR B 400 -6.13 0.59 -2.36
C THR B 400 -6.81 1.08 -3.65
N TRP B 401 -6.82 2.40 -3.91
CA TRP B 401 -7.66 2.93 -4.99
C TRP B 401 -7.07 3.74 -6.13
N TRP B 402 -5.80 4.15 -6.06
CA TRP B 402 -5.38 5.17 -7.02
C TRP B 402 -5.35 4.72 -8.48
N THR B 403 -5.15 3.43 -8.73
CA THR B 403 -5.04 2.94 -10.12
C THR B 403 -6.42 2.79 -10.76
N GLU B 404 -7.47 2.91 -9.96
CA GLU B 404 -8.79 2.95 -10.54
C GLU B 404 -8.99 4.29 -11.23
N TYR B 405 -8.24 5.32 -10.84
CA TYR B 405 -8.46 6.64 -11.43
C TYR B 405 -7.29 7.17 -12.25
N TRP B 406 -6.29 6.33 -12.51
CA TRP B 406 -5.11 6.81 -13.24
C TRP B 406 -5.26 6.77 -14.77
N GLN B 407 -4.73 7.79 -15.43
CA GLN B 407 -4.95 7.92 -16.86
C GLN B 407 -3.69 8.38 -17.57
N ALA B 408 -2.58 8.46 -16.86
CA ALA B 408 -1.34 8.90 -17.47
C ALA B 408 -0.45 7.70 -17.81
N THR B 409 0.53 7.88 -18.70
CA THR B 409 1.43 6.79 -19.02
C THR B 409 2.61 6.77 -18.06
N TRP B 410 2.84 7.90 -17.40
CA TRP B 410 3.91 8.03 -16.41
C TRP B 410 3.34 7.96 -14.97
N ILE B 411 4.24 7.88 -14.00
CA ILE B 411 3.85 7.82 -12.60
C ILE B 411 4.88 8.54 -11.75
N PRO B 412 4.46 9.63 -11.11
CA PRO B 412 5.38 10.42 -10.29
C PRO B 412 5.75 9.69 -9.02
N GLU B 413 6.89 10.05 -8.45
CA GLU B 413 7.23 9.60 -7.11
C GLU B 413 6.29 10.24 -6.14
N TRP B 414 6.11 9.62 -4.98
CA TRP B 414 5.35 10.26 -3.92
C TRP B 414 5.64 9.69 -2.56
N GLU B 415 5.24 10.45 -1.54
CA GLU B 415 5.33 9.97 -0.17
C GLU B 415 4.07 10.47 0.53
N PHE B 416 3.80 9.94 1.73
CA PHE B 416 2.55 10.27 2.41
C PHE B 416 2.82 11.08 3.67
N VAL B 417 1.87 11.95 3.98
CA VAL B 417 2.11 12.97 4.98
C VAL B 417 0.81 13.43 5.65
N ASN B 418 0.72 13.34 6.97
CA ASN B 418 -0.40 13.98 7.67
C ASN B 418 -0.13 15.47 7.84
N THR B 419 -0.69 16.28 6.92
CA THR B 419 -0.34 17.71 6.91
C THR B 419 -0.79 18.42 8.17
N PRO B 420 0.07 19.31 8.71
CA PRO B 420 -0.38 20.15 9.82
C PRO B 420 -1.62 20.89 9.38
N PRO B 421 -2.74 20.77 10.12
CA PRO B 421 -3.99 21.45 9.74
C PRO B 421 -3.81 22.97 9.76
N LEU B 422 -2.65 23.44 10.23
CA LEU B 422 -2.24 24.84 10.12
C LEU B 422 -2.04 25.27 8.67
N VAL B 423 -1.16 24.57 7.95
CA VAL B 423 -0.86 24.90 6.54
C VAL B 423 -2.09 24.86 5.64
N LYS B 424 -3.07 24.02 6.00
CA LYS B 424 -4.36 24.01 5.32
C LYS B 424 -4.97 25.40 5.32
N LEU B 425 -4.80 26.13 6.43
CA LEU B 425 -5.43 27.45 6.60
C LEU B 425 -4.67 28.57 5.86
N TRP B 426 -3.35 28.42 5.80
CA TRP B 426 -2.50 29.37 5.11
C TRP B 426 -2.87 29.58 3.63
N TYR B 427 -3.15 28.49 2.92
CA TYR B 427 -3.41 28.57 1.48
C TYR B 427 -4.89 28.71 1.09
N GLN B 428 -5.80 28.59 2.04
CA GLN B 428 -7.25 28.69 1.77
C GLN B 428 -7.61 29.95 1.01
N LEU B 429 -8.67 29.88 0.20
CA LEU B 429 -9.12 31.02 -0.58
C LEU B 429 -10.39 31.64 -0.01
N1 DOC C 21 2.67 -27.86 1.56
C2 DOC C 21 3.87 -27.21 1.74
N3 DOC C 21 4.37 -27.01 2.98
C4 DOC C 21 3.65 -27.45 4.12
C5 DOC C 21 2.48 -28.07 3.95
C6 DOC C 21 1.98 -28.30 2.66
O2 DOC C 21 4.50 -26.80 0.78
N4 DOC C 21 4.20 -27.24 5.40
C1' DOC C 21 2.21 -28.19 0.27
C2' DOC C 21 2.24 -29.47 -0.60
C3' DOC C 21 0.84 -29.95 -0.53
C4' DOC C 21 -0.01 -28.72 -0.36
O4' DOC C 21 0.88 -27.60 0.02
C5' DOC C 21 -1.32 -28.87 0.32
O5' DOC C 21 -1.18 -29.41 1.57
P DOC C 21 -2.39 -29.37 2.57
OP1 DOC C 21 -3.64 -30.01 1.92
OP2 DOC C 21 -2.03 -30.13 3.81
S SO4 E . -16.85 36.28 28.18
O1 SO4 E . -17.05 37.65 28.64
O2 SO4 E . -16.23 35.42 29.19
O3 SO4 E . -15.97 36.37 27.02
O4 SO4 E . -18.15 35.70 27.82
S SO4 F . -25.54 -11.79 12.57
O1 SO4 F . -25.00 -10.64 13.29
O2 SO4 F . -24.85 -12.99 13.01
O3 SO4 F . -26.97 -11.95 12.87
O4 SO4 F . -25.35 -11.58 11.13
MG MG G . 2.53 -35.08 -3.35
OAC N8G H . 2.58 -37.03 -2.53
PAZ N8G H . 3.66 -37.79 -1.85
OAF N8G H . 4.37 -38.91 -2.76
OAG N8G H . 3.16 -38.63 -0.56
OAQ N8G H . 4.87 -36.87 -1.31
PBB N8G H . 5.41 -35.53 -1.99
OAI N8G H . 4.68 -35.20 -3.26
OAE N8G H . 7.01 -35.55 -2.20
OAR N8G H . 5.20 -34.49 -0.81
PBA N8G H . 3.81 -33.75 -0.42
OAH N8G H . 3.28 -34.09 0.94
OAD N8G H . 2.77 -34.10 -1.62
OAO N8G H . 4.20 -32.20 -0.65
CAL N8G H . 4.63 -31.78 -1.95
CAW N8G H . 5.96 -31.03 -1.88
OAP N8G H . 5.92 -29.90 -1.00
SAS N8G H . 7.32 -32.11 -1.40
CAM N8G H . 8.26 -30.71 -0.79
CAX N8G H . 7.18 -29.73 -0.33
NAY N8G H . 6.97 -29.79 1.12
CAK N8G H . 5.81 -30.34 1.63
CAU N8G H . 5.62 -30.38 2.95
FAJ N8G H . 4.54 -30.86 3.58
CAV N8G H . 7.97 -29.30 1.99
OAB N8G H . 9.02 -28.83 1.54
NAN N8G H . 7.75 -29.36 3.34
CAT N8G H . 6.65 -29.86 3.82
NAA N8G H . 6.41 -29.94 5.17
#